data_3A7K
#
_entry.id   3A7K
#
_cell.length_a   151.830
_cell.length_b   99.770
_cell.length_c   99.270
_cell.angle_alpha   90.00
_cell.angle_beta   127.67
_cell.angle_gamma   90.00
#
_symmetry.space_group_name_H-M   'C 1 2 1'
#
loop_
_entity.id
_entity.type
_entity.pdbx_description
1 polymer Halorhodopsin
2 non-polymer RETINAL
3 non-polymer BACTERIORUBERIN
4 non-polymer 3-PHOSPHORYL-[1,2-DI-PHYTANYL]GLYCEROL
5 non-polymer 2,3-DI-PHYTANYL-GLYCEROL
6 non-polymer "2,3-DI-O-PHYTANLY-3-SN-GLYCERO-1-PHOSPHORYL-3'-SN-GLYCEROL-1'-PHOSPHATE"
7 non-polymer 'CHLORIDE ION'
8 water water
#
_entity_poly.entity_id   1
_entity_poly.type   'polypeptide(L)'
_entity_poly.pdbx_seq_one_letter_code
;MTETLPPVTESAVALQAEVTQRELFEFVLNDPLLASSLYINIALAGLSILLFVFMTRGLDDPRAKLIAVSTILVPVVSIA
SYTGLASGLTISVLEMPAGHFAEGSSVMLGGEEVDGVVTMWGRYLTWALSTPMILLALGLLAGSNATKLFTAITFDIAMC
VTGLAAALTTSSHLMRWFWYAISCACFIVVLYILLVEWAQDAKAAGTADIFSTLKLLTVVMWLGYPIVWALGVEGVAVLP
VGYTSWAYSALDIVAKYIFAFLLLNYLTSNEGVVSGSILDVPSASGAPADD
;
_entity_poly.pdbx_strand_id   A,B,D
#
loop_
_chem_comp.id
_chem_comp.type
_chem_comp.name
_chem_comp.formula
22B non-polymer BACTERIORUBERIN 'C50 H76 O4'
CL non-polymer 'CHLORIDE ION' 'Cl -1'
L1P non-polymer 3-PHOSPHORYL-[1,2-DI-PHYTANYL]GLYCEROL 'C43 H89 O6 P'
L2P non-polymer 2,3-DI-PHYTANYL-GLYCEROL 'C43 H88 O3'
L3P non-polymer 2,3-DI-O-PHYTANLY-3-SN-GLYCERO-1-PHOSPHORYL-3'-SN-GLYCEROL-1'-PHOSPHATE 'C46 H94 O11 P2 -2'
RET non-polymer RETINAL 'C20 H28 O'
#
# COMPACT_ATOMS: atom_id res chain seq x y z
N VAL A 19 -4.92 -24.01 -10.94
CA VAL A 19 -3.67 -23.56 -11.60
C VAL A 19 -2.63 -23.11 -10.60
N THR A 20 -1.59 -23.94 -10.42
CA THR A 20 -0.51 -23.67 -9.50
C THR A 20 0.49 -22.68 -10.07
N GLN A 21 1.29 -22.09 -9.19
CA GLN A 21 2.33 -21.16 -9.57
C GLN A 21 3.31 -21.86 -10.52
N ARG A 22 3.68 -23.09 -10.16
CA ARG A 22 4.62 -23.89 -10.95
C ARG A 22 4.13 -24.05 -12.38
N GLU A 23 2.87 -24.42 -12.54
CA GLU A 23 2.31 -24.59 -13.87
C GLU A 23 2.51 -23.31 -14.67
N LEU A 24 2.29 -22.16 -14.02
CA LEU A 24 2.45 -20.86 -14.66
C LEU A 24 3.93 -20.61 -14.97
N PHE A 25 4.79 -20.93 -14.02
CA PHE A 25 6.23 -20.76 -14.18
C PHE A 25 6.74 -21.61 -15.34
N GLU A 26 6.16 -22.79 -15.52
CA GLU A 26 6.57 -23.67 -16.60
C GLU A 26 5.89 -23.29 -17.91
N PHE A 27 4.74 -22.62 -17.82
CA PHE A 27 4.05 -22.18 -19.02
C PHE A 27 4.92 -21.11 -19.68
N VAL A 28 5.44 -20.19 -18.88
CA VAL A 28 6.31 -19.12 -19.38
C VAL A 28 7.46 -19.80 -20.11
N LEU A 29 8.19 -20.68 -19.41
CA LEU A 29 9.29 -21.41 -20.02
C LEU A 29 8.58 -22.34 -21.01
N ASN A 30 9.22 -22.69 -22.11
CA ASN A 30 8.58 -23.54 -23.11
C ASN A 30 7.67 -22.68 -23.98
N ASP A 31 7.79 -21.37 -23.80
CA ASP A 31 7.04 -20.39 -24.58
C ASP A 31 8.07 -19.27 -24.75
N PRO A 32 9.04 -19.48 -25.65
CA PRO A 32 10.13 -18.58 -25.99
C PRO A 32 9.78 -17.09 -26.03
N LEU A 33 8.69 -16.74 -26.70
CA LEU A 33 8.26 -15.35 -26.79
C LEU A 33 8.07 -14.81 -25.39
N LEU A 34 7.13 -15.41 -24.68
CA LEU A 34 6.79 -15.01 -23.32
C LEU A 34 7.98 -15.02 -22.38
N ALA A 35 8.72 -16.12 -22.36
CA ALA A 35 9.90 -16.23 -21.48
C ALA A 35 10.93 -15.14 -21.76
N SER A 36 11.19 -14.87 -23.04
CA SER A 36 12.19 -13.85 -23.39
C SER A 36 11.75 -12.42 -23.01
N SER A 37 10.46 -12.14 -23.12
CA SER A 37 9.93 -10.82 -22.77
C SER A 37 10.11 -10.55 -21.27
N LEU A 38 10.15 -11.63 -20.49
CA LEU A 38 10.30 -11.52 -19.04
C LEU A 38 11.75 -11.59 -18.54
N TYR A 39 12.47 -12.66 -18.88
CA TYR A 39 13.86 -12.80 -18.42
C TYR A 39 14.79 -11.74 -18.97
N ILE A 40 14.55 -11.30 -20.20
CA ILE A 40 15.41 -10.26 -20.75
C ILE A 40 15.39 -8.99 -19.90
N ASN A 41 14.19 -8.59 -19.43
CA ASN A 41 14.12 -7.37 -18.64
C ASN A 41 14.57 -7.53 -17.18
N ILE A 42 14.60 -8.76 -16.69
CA ILE A 42 15.11 -8.98 -15.35
C ILE A 42 16.59 -8.60 -15.46
N ALA A 43 17.21 -8.95 -16.59
CA ALA A 43 18.63 -8.65 -16.84
C ALA A 43 18.86 -7.18 -17.18
N LEU A 44 18.04 -6.63 -18.07
CA LEU A 44 18.20 -5.23 -18.43
C LEU A 44 17.98 -4.30 -17.23
N ALA A 45 17.04 -4.65 -16.37
CA ALA A 45 16.76 -3.83 -15.20
C ALA A 45 17.98 -3.86 -14.26
N GLY A 46 18.51 -5.06 -14.02
CA GLY A 46 19.67 -5.21 -13.17
C GLY A 46 20.88 -4.46 -13.67
N LEU A 47 21.20 -4.62 -14.96
CA LEU A 47 22.34 -3.92 -15.53
C LEU A 47 22.12 -2.41 -15.45
N SER A 48 20.86 -1.98 -15.62
CA SER A 48 20.53 -0.55 -15.53
C SER A 48 20.82 -0.03 -14.13
N ILE A 49 20.45 -0.82 -13.12
CA ILE A 49 20.69 -0.40 -11.74
C ILE A 49 22.19 -0.18 -11.50
N LEU A 50 23.00 -1.17 -11.86
CA LEU A 50 24.44 -1.06 -11.69
C LEU A 50 24.99 0.16 -12.43
N LEU A 51 24.62 0.29 -13.69
CA LEU A 51 25.07 1.42 -14.51
C LEU A 51 24.69 2.77 -13.89
N PHE A 52 23.45 2.89 -13.42
CA PHE A 52 23.01 4.15 -12.84
C PHE A 52 23.70 4.50 -11.52
N VAL A 53 24.00 3.49 -10.72
CA VAL A 53 24.68 3.73 -9.45
C VAL A 53 26.07 4.28 -9.81
N PHE A 54 26.75 3.58 -10.70
CA PHE A 54 28.07 3.98 -11.17
C PHE A 54 28.08 5.42 -11.69
N MET A 55 27.11 5.74 -12.55
CA MET A 55 27.00 7.08 -13.13
C MET A 55 26.83 8.21 -12.11
N THR A 56 26.04 7.94 -11.08
CA THR A 56 25.73 8.96 -10.08
C THR A 56 26.63 9.05 -8.84
N ARG A 57 27.62 8.16 -8.76
CA ARG A 57 28.56 8.12 -7.64
C ARG A 57 29.09 9.48 -7.16
N GLY A 58 29.46 10.34 -8.11
CA GLY A 58 30.01 11.65 -7.77
C GLY A 58 29.04 12.76 -7.38
N LEU A 59 27.76 12.43 -7.25
CA LEU A 59 26.76 13.41 -6.88
C LEU A 59 26.90 13.76 -5.41
N ASP A 60 26.73 15.04 -5.06
CA ASP A 60 26.85 15.49 -3.67
C ASP A 60 25.67 16.32 -3.18
N ASP A 61 25.09 17.13 -4.04
CA ASP A 61 23.96 17.96 -3.64
C ASP A 61 22.78 17.07 -3.25
N PRO A 62 22.11 17.38 -2.14
CA PRO A 62 20.96 16.57 -1.69
C PRO A 62 19.80 16.55 -2.69
N ARG A 63 19.47 17.69 -3.31
CA ARG A 63 18.37 17.72 -4.28
C ARG A 63 18.74 16.95 -5.54
N ALA A 64 20.01 17.05 -5.96
CA ALA A 64 20.47 16.35 -7.15
C ALA A 64 20.40 14.85 -6.87
N LYS A 65 20.75 14.46 -5.65
CA LYS A 65 20.71 13.06 -5.30
C LYS A 65 19.28 12.54 -5.07
N LEU A 66 18.35 13.43 -4.80
CA LEU A 66 16.96 13.01 -4.61
C LEU A 66 16.50 12.52 -5.98
N ILE A 67 16.71 13.36 -6.99
CA ILE A 67 16.35 13.04 -8.36
C ILE A 67 16.96 11.71 -8.78
N ALA A 68 18.27 11.55 -8.51
CA ALA A 68 18.96 10.32 -8.88
C ALA A 68 18.39 9.06 -8.22
N VAL A 69 18.10 9.14 -6.93
CA VAL A 69 17.56 7.99 -6.20
C VAL A 69 16.15 7.65 -6.67
N SER A 70 15.36 8.69 -6.89
CA SER A 70 14.00 8.51 -7.38
C SER A 70 14.07 7.78 -8.73
N THR A 71 15.04 8.18 -9.55
CA THR A 71 15.24 7.60 -10.88
C THR A 71 15.70 6.15 -10.81
N ILE A 72 16.69 5.87 -9.95
CA ILE A 72 17.21 4.52 -9.79
C ILE A 72 16.16 3.54 -9.26
N LEU A 73 15.20 4.03 -8.49
CA LEU A 73 14.16 3.16 -7.95
C LEU A 73 13.28 2.59 -9.05
N VAL A 74 13.28 3.24 -10.20
CA VAL A 74 12.48 2.78 -11.34
C VAL A 74 12.95 1.37 -11.74
N PRO A 75 14.26 1.19 -11.99
CA PRO A 75 14.68 -0.16 -12.38
C PRO A 75 14.65 -1.17 -11.22
N VAL A 76 14.69 -0.67 -9.98
CA VAL A 76 14.62 -1.53 -8.80
C VAL A 76 13.22 -2.16 -8.75
N VAL A 77 12.19 -1.34 -8.94
CA VAL A 77 10.83 -1.87 -8.92
C VAL A 77 10.64 -2.80 -10.12
N SER A 78 11.22 -2.41 -11.25
CA SER A 78 11.10 -3.19 -12.46
C SER A 78 11.68 -4.62 -12.37
N ILE A 79 12.89 -4.79 -11.82
CA ILE A 79 13.44 -6.16 -11.71
C ILE A 79 12.54 -7.02 -10.85
N ALA A 80 12.05 -6.47 -9.75
CA ALA A 80 11.16 -7.21 -8.86
C ALA A 80 9.86 -7.54 -9.58
N SER A 81 9.40 -6.62 -10.43
CA SER A 81 8.16 -6.85 -11.17
C SER A 81 8.32 -8.05 -12.10
N TYR A 82 9.37 -8.02 -12.93
CA TYR A 82 9.63 -9.11 -13.86
C TYR A 82 9.94 -10.44 -13.15
N THR A 83 10.57 -10.38 -11.98
CA THR A 83 10.83 -11.60 -11.23
C THR A 83 9.45 -12.15 -10.80
N GLY A 84 8.58 -11.24 -10.36
CA GLY A 84 7.24 -11.63 -9.96
C GLY A 84 6.46 -12.29 -11.08
N LEU A 85 6.70 -11.83 -12.30
CA LEU A 85 6.01 -12.38 -13.47
C LEU A 85 6.66 -13.70 -13.94
N ALA A 86 7.98 -13.72 -13.99
CA ALA A 86 8.69 -14.93 -14.44
C ALA A 86 8.50 -16.09 -13.48
N SER A 87 8.37 -15.79 -12.18
CA SER A 87 8.17 -16.83 -11.18
C SER A 87 6.75 -17.37 -11.22
N GLY A 88 5.82 -16.57 -11.73
CA GLY A 88 4.44 -17.00 -11.80
C GLY A 88 3.68 -16.50 -10.59
N LEU A 89 4.40 -15.81 -9.71
CA LEU A 89 3.82 -15.25 -8.49
C LEU A 89 2.73 -14.22 -8.76
N THR A 90 2.93 -13.39 -9.77
CA THR A 90 1.96 -12.34 -10.07
C THR A 90 1.26 -12.53 -11.40
N ILE A 91 0.97 -13.79 -11.72
CA ILE A 91 0.28 -14.15 -12.95
C ILE A 91 -0.87 -15.03 -12.49
N SER A 92 -1.98 -14.97 -13.22
CA SER A 92 -3.15 -15.78 -12.90
C SER A 92 -3.90 -16.12 -14.17
N VAL A 93 -4.70 -17.17 -14.11
CA VAL A 93 -5.51 -17.59 -15.24
C VAL A 93 -6.92 -17.15 -14.86
N LEU A 94 -7.53 -16.31 -15.69
CA LEU A 94 -8.88 -15.81 -15.42
C LEU A 94 -9.82 -16.05 -16.59
N GLU A 95 -11.11 -16.20 -16.30
CA GLU A 95 -12.11 -16.40 -17.34
C GLU A 95 -12.82 -15.10 -17.68
N MET A 96 -12.71 -14.68 -18.94
CA MET A 96 -13.32 -13.44 -19.40
C MET A 96 -14.84 -13.47 -19.46
N PRO A 97 -15.49 -12.34 -19.14
CA PRO A 97 -16.96 -12.21 -19.15
C PRO A 97 -17.55 -12.34 -20.55
N ALA A 98 -18.83 -12.73 -20.60
CA ALA A 98 -19.53 -12.87 -21.87
C ALA A 98 -19.44 -11.55 -22.62
N GLY A 99 -19.20 -11.63 -23.93
CA GLY A 99 -19.09 -10.43 -24.73
C GLY A 99 -17.64 -10.07 -24.97
N HIS A 100 -16.75 -10.64 -24.15
CA HIS A 100 -15.32 -10.37 -24.30
C HIS A 100 -14.76 -11.20 -25.43
N PHE A 101 -14.00 -10.57 -26.32
CA PHE A 101 -13.42 -11.26 -27.46
C PHE A 101 -12.42 -12.34 -27.10
N ALA A 102 -12.25 -12.61 -25.81
CA ALA A 102 -11.34 -13.65 -25.37
C ALA A 102 -12.06 -14.61 -24.43
N GLU A 103 -13.38 -14.45 -24.33
CA GLU A 103 -14.16 -15.31 -23.46
C GLU A 103 -14.14 -16.75 -23.99
N GLY A 104 -14.20 -17.72 -23.09
CA GLY A 104 -14.19 -19.11 -23.48
C GLY A 104 -12.90 -19.57 -24.14
N SER A 105 -11.80 -18.89 -23.82
CA SER A 105 -10.50 -19.25 -24.38
C SER A 105 -9.84 -20.34 -23.54
N SER A 106 -8.89 -21.05 -24.14
CA SER A 106 -8.18 -22.12 -23.46
C SER A 106 -6.70 -21.77 -23.41
N VAL A 107 -6.04 -22.14 -22.31
CA VAL A 107 -4.62 -21.85 -22.16
C VAL A 107 -3.74 -23.08 -22.34
N MET A 108 -4.27 -24.25 -22.03
CA MET A 108 -3.50 -25.48 -22.16
C MET A 108 -2.30 -25.31 -21.23
N LEU A 109 -2.59 -25.21 -19.93
CA LEU A 109 -1.56 -25.03 -18.92
C LEU A 109 -1.10 -26.39 -18.42
N GLY A 110 0.18 -26.49 -18.09
CA GLY A 110 0.70 -27.76 -17.62
C GLY A 110 0.45 -28.84 -18.65
N GLY A 111 -0.28 -29.88 -18.27
CA GLY A 111 -0.57 -30.96 -19.19
C GLY A 111 -2.02 -30.98 -19.62
N GLU A 112 -2.87 -30.25 -18.90
CA GLU A 112 -4.28 -30.21 -19.22
C GLU A 112 -4.74 -28.82 -19.67
N GLU A 113 -5.63 -28.79 -20.66
CA GLU A 113 -6.14 -27.54 -21.18
C GLU A 113 -7.08 -26.89 -20.15
N VAL A 114 -6.79 -25.63 -19.81
CA VAL A 114 -7.60 -24.90 -18.84
C VAL A 114 -8.26 -23.68 -19.46
N ASP A 115 -9.52 -23.45 -19.08
CA ASP A 115 -10.29 -22.32 -19.59
C ASP A 115 -9.80 -21.01 -19.01
N GLY A 116 -9.86 -19.96 -19.81
CA GLY A 116 -9.43 -18.66 -19.34
C GLY A 116 -8.26 -18.08 -20.11
N VAL A 117 -7.76 -16.96 -19.62
CA VAL A 117 -6.65 -16.27 -20.27
C VAL A 117 -5.57 -15.98 -19.24
N VAL A 118 -4.32 -16.13 -19.65
CA VAL A 118 -3.18 -15.86 -18.78
C VAL A 118 -3.09 -14.36 -18.53
N THR A 119 -3.43 -13.95 -17.32
CA THR A 119 -3.44 -12.55 -16.92
C THR A 119 -2.21 -12.15 -16.12
N MET A 120 -1.35 -11.37 -16.75
CA MET A 120 -0.13 -10.89 -16.11
C MET A 120 -0.39 -9.58 -15.36
N TRP A 121 -1.21 -9.70 -14.31
CA TRP A 121 -1.60 -8.55 -13.48
C TRP A 121 -0.45 -7.96 -12.67
N GLY A 122 0.66 -8.69 -12.56
CA GLY A 122 1.82 -8.19 -11.84
C GLY A 122 2.42 -6.94 -12.46
N ARG A 123 2.19 -6.73 -13.75
CA ARG A 123 2.70 -5.53 -14.42
C ARG A 123 1.97 -4.31 -13.87
N TYR A 124 0.64 -4.37 -13.86
CA TYR A 124 -0.19 -3.26 -13.40
C TYR A 124 0.06 -2.92 -11.94
N LEU A 125 0.24 -3.95 -11.13
CA LEU A 125 0.50 -3.80 -9.70
C LEU A 125 1.78 -3.00 -9.44
N THR A 126 2.86 -3.33 -10.14
CA THR A 126 4.13 -2.60 -9.93
C THR A 126 4.20 -1.23 -10.58
N TRP A 127 3.41 -0.98 -11.63
CA TRP A 127 3.43 0.34 -12.26
C TRP A 127 3.04 1.36 -11.20
N ALA A 128 2.14 0.96 -10.30
CA ALA A 128 1.67 1.83 -9.22
C ALA A 128 2.82 2.28 -8.33
N LEU A 129 3.93 1.55 -8.40
CA LEU A 129 5.10 1.85 -7.58
C LEU A 129 6.22 2.53 -8.38
N SER A 130 6.39 2.12 -9.63
CA SER A 130 7.44 2.67 -10.49
C SER A 130 7.08 3.99 -11.19
N THR A 131 5.85 4.12 -11.68
CA THR A 131 5.49 5.35 -12.38
C THR A 131 5.54 6.59 -11.50
N PRO A 132 5.21 6.47 -10.20
CA PRO A 132 5.26 7.62 -9.30
C PRO A 132 6.71 8.13 -9.18
N MET A 133 7.67 7.21 -9.30
CA MET A 133 9.08 7.60 -9.21
C MET A 133 9.55 8.33 -10.48
N ILE A 134 9.05 7.91 -11.63
CA ILE A 134 9.39 8.56 -12.89
C ILE A 134 8.91 10.01 -12.77
N LEU A 135 7.68 10.16 -12.27
CA LEU A 135 7.04 11.47 -12.11
C LEU A 135 7.70 12.36 -11.05
N LEU A 136 8.15 11.76 -9.95
CA LEU A 136 8.81 12.50 -8.88
C LEU A 136 10.11 13.06 -9.47
N ALA A 137 10.85 12.21 -10.19
CA ALA A 137 12.09 12.64 -10.82
C ALA A 137 11.84 13.78 -11.81
N LEU A 138 10.84 13.61 -12.67
CA LEU A 138 10.51 14.64 -13.66
C LEU A 138 10.06 15.94 -13.02
N GLY A 139 9.15 15.84 -12.07
CA GLY A 139 8.65 17.04 -11.40
C GLY A 139 9.76 17.81 -10.72
N LEU A 140 10.67 17.08 -10.09
CA LEU A 140 11.80 17.70 -9.42
C LEU A 140 12.65 18.39 -10.48
N LEU A 141 12.95 17.66 -11.55
CA LEU A 141 13.74 18.20 -12.65
C LEU A 141 13.15 19.51 -13.15
N ALA A 142 11.82 19.58 -13.19
CA ALA A 142 11.11 20.76 -13.66
C ALA A 142 10.92 21.83 -12.58
N GLY A 143 11.42 21.59 -11.37
CA GLY A 143 11.25 22.55 -10.29
C GLY A 143 9.79 22.76 -9.90
N SER A 144 9.05 21.65 -9.78
CA SER A 144 7.63 21.67 -9.42
C SER A 144 7.38 21.95 -7.93
N ASN A 145 6.30 22.67 -7.62
CA ASN A 145 5.96 22.90 -6.21
C ASN A 145 5.36 21.57 -5.71
N ALA A 146 5.06 21.49 -4.42
CA ALA A 146 4.51 20.27 -3.85
C ALA A 146 3.08 19.93 -4.30
N THR A 147 2.28 20.95 -4.59
CA THR A 147 0.91 20.73 -5.03
C THR A 147 0.77 19.93 -6.34
N LYS A 148 1.58 20.27 -7.34
CA LYS A 148 1.52 19.59 -8.62
C LYS A 148 2.10 18.18 -8.53
N LEU A 149 3.10 18.03 -7.66
CA LEU A 149 3.75 16.75 -7.45
C LEU A 149 2.77 15.78 -6.78
N PHE A 150 2.02 16.29 -5.79
CA PHE A 150 1.01 15.50 -5.06
C PHE A 150 -0.09 15.08 -6.03
N THR A 151 -0.54 16.02 -6.84
CA THR A 151 -1.58 15.77 -7.82
C THR A 151 -1.14 14.74 -8.88
N ALA A 152 0.02 14.97 -9.49
CA ALA A 152 0.54 14.06 -10.50
C ALA A 152 0.70 12.63 -9.95
N ILE A 153 1.30 12.51 -8.78
CA ILE A 153 1.55 11.20 -8.19
C ILE A 153 0.30 10.45 -7.70
N THR A 154 -0.66 11.17 -7.13
CA THR A 154 -1.86 10.50 -6.64
C THR A 154 -2.73 10.01 -7.79
N PHE A 155 -2.88 10.83 -8.82
CA PHE A 155 -3.70 10.40 -9.95
C PHE A 155 -2.98 9.36 -10.78
N ASP A 156 -1.65 9.36 -10.70
CA ASP A 156 -0.88 8.35 -11.42
C ASP A 156 -1.12 7.01 -10.75
N ILE A 157 -1.14 7.02 -9.43
CA ILE A 157 -1.35 5.80 -8.66
C ILE A 157 -2.79 5.31 -8.88
N ALA A 158 -3.73 6.26 -8.94
CA ALA A 158 -5.14 5.95 -9.16
C ALA A 158 -5.27 5.30 -10.54
N MET A 159 -4.53 5.82 -11.52
CA MET A 159 -4.54 5.30 -12.88
C MET A 159 -4.09 3.83 -12.89
N CYS A 160 -2.99 3.57 -12.20
CA CYS A 160 -2.44 2.22 -12.14
C CYS A 160 -3.33 1.23 -11.40
N VAL A 161 -3.87 1.65 -10.25
CA VAL A 161 -4.70 0.76 -9.46
C VAL A 161 -6.04 0.42 -10.14
N THR A 162 -6.61 1.39 -10.86
CA THR A 162 -7.87 1.13 -11.55
C THR A 162 -7.60 0.34 -12.83
N GLY A 163 -6.34 0.36 -13.30
CA GLY A 163 -5.96 -0.40 -14.47
C GLY A 163 -5.86 -1.87 -14.03
N LEU A 164 -5.27 -2.07 -12.86
CA LEU A 164 -5.14 -3.41 -12.27
C LEU A 164 -6.54 -3.98 -11.96
N ALA A 165 -7.45 -3.13 -11.47
CA ALA A 165 -8.82 -3.54 -11.16
C ALA A 165 -9.54 -3.99 -12.44
N ALA A 166 -9.34 -3.26 -13.53
CA ALA A 166 -9.96 -3.60 -14.81
C ALA A 166 -9.55 -5.00 -15.27
N ALA A 167 -8.25 -5.28 -15.23
CA ALA A 167 -7.72 -6.57 -15.66
C ALA A 167 -8.16 -7.70 -14.72
N LEU A 168 -8.44 -7.37 -13.47
CA LEU A 168 -8.85 -8.35 -12.48
C LEU A 168 -10.38 -8.56 -12.42
N THR A 169 -11.12 -7.80 -13.21
CA THR A 169 -12.57 -7.90 -13.23
C THR A 169 -13.03 -8.90 -14.28
N THR A 170 -13.63 -10.00 -13.82
CA THR A 170 -14.09 -11.06 -14.70
C THR A 170 -15.62 -11.20 -14.76
N SER A 171 -16.31 -10.42 -13.94
CA SER A 171 -17.77 -10.48 -13.86
C SER A 171 -18.53 -9.90 -15.04
N SER A 172 -18.09 -8.74 -15.50
CA SER A 172 -18.77 -8.02 -16.57
C SER A 172 -17.79 -7.38 -17.54
N HIS A 173 -18.12 -7.41 -18.82
CA HIS A 173 -17.28 -6.83 -19.85
C HIS A 173 -17.38 -5.31 -19.74
N LEU A 174 -18.59 -4.82 -19.53
CA LEU A 174 -18.83 -3.39 -19.39
C LEU A 174 -18.08 -2.81 -18.19
N MET A 175 -18.07 -3.55 -17.08
CA MET A 175 -17.38 -3.11 -15.87
C MET A 175 -15.88 -2.92 -16.15
N ARG A 176 -15.30 -3.81 -16.98
CA ARG A 176 -13.89 -3.73 -17.35
C ARG A 176 -13.56 -2.44 -18.10
N TRP A 177 -14.38 -2.10 -19.08
CA TRP A 177 -14.12 -0.88 -19.86
C TRP A 177 -14.45 0.39 -19.09
N PHE A 178 -15.29 0.27 -18.07
CA PHE A 178 -15.66 1.43 -17.24
C PHE A 178 -14.45 1.79 -16.35
N TRP A 179 -13.80 0.78 -15.79
CA TRP A 179 -12.61 1.05 -15.01
C TRP A 179 -11.53 1.63 -15.93
N TYR A 180 -11.45 1.09 -17.15
CA TYR A 180 -10.47 1.54 -18.12
C TYR A 180 -10.73 3.04 -18.34
N ALA A 181 -12.01 3.39 -18.38
CA ALA A 181 -12.42 4.77 -18.57
C ALA A 181 -11.99 5.62 -17.37
N ILE A 182 -12.18 5.12 -16.16
CA ILE A 182 -11.79 5.84 -14.97
C ILE A 182 -10.28 6.03 -14.97
N SER A 183 -9.57 4.96 -15.35
CA SER A 183 -8.12 4.98 -15.40
C SER A 183 -7.66 6.03 -16.41
N CYS A 184 -8.34 6.12 -17.56
CA CYS A 184 -8.00 7.12 -18.58
C CYS A 184 -8.15 8.55 -18.06
N ALA A 185 -9.19 8.79 -17.28
CA ALA A 185 -9.46 10.11 -16.69
C ALA A 185 -8.28 10.52 -15.81
N CYS A 186 -7.76 9.56 -15.04
CA CYS A 186 -6.65 9.83 -14.16
C CYS A 186 -5.40 10.12 -15.01
N PHE A 187 -5.29 9.41 -16.12
CA PHE A 187 -4.18 9.57 -17.05
C PHE A 187 -4.14 11.00 -17.62
N ILE A 188 -5.30 11.55 -17.98
CA ILE A 188 -5.29 12.90 -18.55
C ILE A 188 -4.79 13.95 -17.55
N VAL A 189 -4.99 13.71 -16.25
CA VAL A 189 -4.51 14.62 -15.22
C VAL A 189 -2.98 14.63 -15.21
N VAL A 190 -2.39 13.45 -15.33
CA VAL A 190 -0.93 13.29 -15.37
C VAL A 190 -0.41 13.94 -16.65
N LEU A 191 -1.10 13.69 -17.77
CA LEU A 191 -0.71 14.27 -19.04
C LEU A 191 -0.78 15.79 -19.02
N TYR A 192 -1.84 16.32 -18.43
CA TYR A 192 -1.99 17.78 -18.35
C TYR A 192 -0.85 18.41 -17.55
N ILE A 193 -0.51 17.81 -16.42
CA ILE A 193 0.57 18.31 -15.58
C ILE A 193 1.90 18.27 -16.33
N LEU A 194 2.20 17.15 -16.99
CA LEU A 194 3.43 17.02 -17.74
C LEU A 194 3.52 17.99 -18.92
N LEU A 195 2.45 18.05 -19.71
CA LEU A 195 2.40 18.90 -20.90
C LEU A 195 2.07 20.38 -20.71
N VAL A 196 1.37 20.71 -19.64
CA VAL A 196 0.99 22.10 -19.41
C VAL A 196 1.74 22.74 -18.25
N GLU A 197 1.55 22.18 -17.07
CA GLU A 197 2.17 22.71 -15.86
C GLU A 197 3.68 22.65 -15.83
N TRP A 198 4.23 21.44 -15.78
CA TRP A 198 5.67 21.29 -15.69
C TRP A 198 6.45 21.83 -16.91
N ALA A 199 5.81 21.87 -18.07
CA ALA A 199 6.48 22.40 -19.25
C ALA A 199 6.85 23.88 -19.03
N GLN A 200 6.00 24.58 -18.29
CA GLN A 200 6.24 25.99 -17.99
C GLN A 200 7.16 26.17 -16.80
N ASP A 201 7.02 25.29 -15.80
CA ASP A 201 7.86 25.34 -14.61
C ASP A 201 9.33 25.14 -14.91
N ALA A 202 9.63 24.27 -15.88
CA ALA A 202 11.00 23.95 -16.25
C ALA A 202 11.75 25.16 -16.80
N LYS A 203 11.00 26.10 -17.36
CA LYS A 203 11.63 27.29 -17.91
C LYS A 203 12.18 28.15 -16.76
N ALA A 204 11.46 28.18 -15.64
CA ALA A 204 11.91 28.95 -14.49
C ALA A 204 13.04 28.22 -13.76
N ALA A 205 13.00 26.89 -13.81
CA ALA A 205 14.01 26.07 -13.15
C ALA A 205 15.30 26.00 -13.94
N GLY A 206 15.26 26.49 -15.19
CA GLY A 206 16.44 26.46 -16.04
C GLY A 206 16.76 25.08 -16.60
N THR A 207 15.73 24.25 -16.76
CA THR A 207 15.89 22.90 -17.30
C THR A 207 14.93 22.67 -18.47
N ALA A 208 14.53 23.75 -19.14
CA ALA A 208 13.60 23.69 -20.25
C ALA A 208 13.95 22.66 -21.34
N ASP A 209 15.18 22.70 -21.84
CA ASP A 209 15.62 21.78 -22.89
C ASP A 209 15.50 20.30 -22.56
N ILE A 210 16.16 19.86 -21.50
CA ILE A 210 16.12 18.46 -21.09
C ILE A 210 14.72 18.03 -20.65
N PHE A 211 14.01 18.88 -19.92
CA PHE A 211 12.68 18.51 -19.47
C PHE A 211 11.75 18.27 -20.65
N SER A 212 11.80 19.18 -21.61
CA SER A 212 10.94 19.08 -22.78
C SER A 212 11.22 17.77 -23.51
N THR A 213 12.49 17.36 -23.53
CA THR A 213 12.88 16.10 -24.17
C THR A 213 12.29 14.92 -23.42
N LEU A 214 12.54 14.85 -22.12
CA LEU A 214 12.04 13.74 -21.31
C LEU A 214 10.51 13.76 -21.21
N LYS A 215 9.93 14.97 -21.25
CA LYS A 215 8.49 15.15 -21.21
C LYS A 215 7.88 14.41 -22.40
N LEU A 216 8.40 14.70 -23.59
CA LEU A 216 7.93 14.10 -24.83
C LEU A 216 8.14 12.59 -24.90
N LEU A 217 9.35 12.14 -24.55
CA LEU A 217 9.64 10.71 -24.58
C LEU A 217 8.63 10.01 -23.68
N THR A 218 8.39 10.59 -22.51
CA THR A 218 7.47 10.04 -21.53
C THR A 218 6.03 10.02 -22.06
N VAL A 219 5.54 11.15 -22.56
CA VAL A 219 4.17 11.18 -23.05
C VAL A 219 3.93 10.17 -24.19
N VAL A 220 4.86 10.12 -25.14
CA VAL A 220 4.77 9.19 -26.27
C VAL A 220 4.77 7.73 -25.80
N MET A 221 5.74 7.35 -24.98
CA MET A 221 5.77 5.95 -24.53
C MET A 221 4.58 5.57 -23.66
N TRP A 222 4.17 6.45 -22.75
CA TRP A 222 3.05 6.14 -21.86
C TRP A 222 1.74 5.93 -22.63
N LEU A 223 1.54 6.67 -23.73
CA LEU A 223 0.34 6.52 -24.54
C LEU A 223 0.31 5.09 -25.08
N GLY A 224 1.48 4.49 -25.17
CA GLY A 224 1.60 3.12 -25.66
C GLY A 224 0.92 2.08 -24.78
N TYR A 225 0.96 2.24 -23.47
CA TYR A 225 0.37 1.26 -22.56
C TYR A 225 -1.15 0.98 -22.71
N PRO A 226 -1.98 2.04 -22.73
CA PRO A 226 -3.41 1.74 -22.87
C PRO A 226 -3.74 1.20 -24.26
N ILE A 227 -2.91 1.55 -25.25
CA ILE A 227 -3.12 1.05 -26.62
C ILE A 227 -2.87 -0.46 -26.60
N VAL A 228 -1.77 -0.88 -25.97
CA VAL A 228 -1.46 -2.30 -25.87
C VAL A 228 -2.50 -3.02 -25.03
N TRP A 229 -2.99 -2.37 -23.97
CA TRP A 229 -3.99 -2.97 -23.10
C TRP A 229 -5.23 -3.29 -23.92
N ALA A 230 -5.67 -2.31 -24.69
CA ALA A 230 -6.84 -2.42 -25.53
C ALA A 230 -6.67 -3.46 -26.64
N LEU A 231 -5.47 -3.52 -27.22
CA LEU A 231 -5.20 -4.45 -28.31
C LEU A 231 -4.91 -5.88 -27.83
N GLY A 232 -4.42 -6.01 -26.61
CA GLY A 232 -4.07 -7.30 -26.05
C GLY A 232 -5.22 -8.12 -25.48
N VAL A 233 -4.86 -9.26 -24.90
CA VAL A 233 -5.82 -10.19 -24.32
C VAL A 233 -6.75 -9.58 -23.27
N GLU A 234 -6.31 -8.53 -22.61
CA GLU A 234 -7.13 -7.88 -21.59
C GLU A 234 -8.23 -7.10 -22.29
N GLY A 235 -7.95 -6.67 -23.51
CA GLY A 235 -8.92 -5.91 -24.27
C GLY A 235 -9.61 -6.67 -25.39
N VAL A 236 -9.40 -6.26 -26.63
CA VAL A 236 -10.04 -6.89 -27.77
C VAL A 236 -9.34 -8.19 -28.19
N ALA A 237 -8.21 -8.47 -27.57
CA ALA A 237 -7.47 -9.71 -27.83
C ALA A 237 -6.93 -9.92 -29.24
N VAL A 238 -6.56 -8.85 -29.95
CA VAL A 238 -5.99 -9.03 -31.28
C VAL A 238 -4.53 -9.47 -31.09
N LEU A 239 -3.99 -9.20 -29.90
CA LEU A 239 -2.62 -9.57 -29.57
C LEU A 239 -2.58 -10.70 -28.52
N PRO A 240 -2.01 -11.86 -28.88
CA PRO A 240 -1.93 -12.98 -27.92
C PRO A 240 -1.05 -12.59 -26.73
N VAL A 241 -1.18 -13.34 -25.63
CA VAL A 241 -0.43 -13.04 -24.42
C VAL A 241 1.08 -12.78 -24.58
N GLY A 242 1.75 -13.61 -25.37
CA GLY A 242 3.17 -13.44 -25.58
C GLY A 242 3.54 -12.17 -26.33
N TYR A 243 2.64 -11.74 -27.22
CA TYR A 243 2.86 -10.54 -28.01
C TYR A 243 2.49 -9.29 -27.21
N THR A 244 1.51 -9.42 -26.34
CA THR A 244 1.08 -8.31 -25.50
C THR A 244 2.22 -8.09 -24.50
N SER A 245 2.80 -9.19 -24.04
CA SER A 245 3.90 -9.11 -23.08
C SER A 245 5.14 -8.42 -23.68
N TRP A 246 5.51 -8.79 -24.91
CA TRP A 246 6.66 -8.14 -25.52
C TRP A 246 6.39 -6.66 -25.80
N ALA A 247 5.15 -6.32 -26.12
CA ALA A 247 4.83 -4.92 -26.36
C ALA A 247 5.08 -4.12 -25.08
N TYR A 248 4.63 -4.67 -23.95
CA TYR A 248 4.83 -4.01 -22.66
C TYR A 248 6.32 -3.95 -22.30
N SER A 249 7.04 -5.05 -22.55
CA SER A 249 8.48 -5.12 -22.24
C SER A 249 9.28 -4.15 -23.10
N ALA A 250 8.86 -3.96 -24.35
CA ALA A 250 9.54 -3.03 -25.25
C ALA A 250 9.30 -1.60 -24.75
N LEU A 251 8.07 -1.34 -24.32
CA LEU A 251 7.70 -0.03 -23.79
C LEU A 251 8.51 0.27 -22.53
N ASP A 252 8.66 -0.72 -21.64
CA ASP A 252 9.42 -0.52 -20.41
C ASP A 252 10.89 -0.19 -20.68
N ILE A 253 11.48 -0.83 -21.68
CA ILE A 253 12.87 -0.54 -21.99
C ILE A 253 13.07 0.93 -22.35
N VAL A 254 12.11 1.51 -23.05
CA VAL A 254 12.24 2.91 -23.43
C VAL A 254 11.78 3.84 -22.30
N ALA A 255 10.55 3.64 -21.84
CA ALA A 255 9.94 4.45 -20.79
C ALA A 255 10.65 4.41 -19.43
N LYS A 256 11.37 3.32 -19.16
CA LYS A 256 12.06 3.19 -17.89
C LYS A 256 13.58 3.25 -17.98
N TYR A 257 14.19 2.25 -18.62
CA TYR A 257 15.64 2.16 -18.70
C TYR A 257 16.34 3.22 -19.53
N ILE A 258 15.96 3.40 -20.78
CA ILE A 258 16.64 4.42 -21.54
C ILE A 258 16.21 5.82 -21.06
N PHE A 259 14.96 5.96 -20.61
CA PHE A 259 14.47 7.23 -20.07
C PHE A 259 15.35 7.62 -18.89
N ALA A 260 15.59 6.66 -17.98
CA ALA A 260 16.40 6.90 -16.80
C ALA A 260 17.85 7.22 -17.20
N PHE A 261 18.37 6.46 -18.16
CA PHE A 261 19.74 6.65 -18.67
C PHE A 261 19.93 8.08 -19.19
N LEU A 262 18.94 8.58 -19.91
CA LEU A 262 19.02 9.94 -20.46
C LEU A 262 18.92 11.00 -19.36
N LEU A 263 17.99 10.83 -18.42
CA LEU A 263 17.84 11.79 -17.33
C LEU A 263 19.10 11.87 -16.45
N LEU A 264 19.70 10.72 -16.15
CA LEU A 264 20.90 10.66 -15.32
C LEU A 264 22.11 11.22 -16.07
N ASN A 265 22.13 11.01 -17.38
CA ASN A 265 23.21 11.51 -18.21
C ASN A 265 23.23 13.04 -18.08
N TYR A 266 22.06 13.65 -18.08
CA TYR A 266 21.96 15.10 -17.95
C TYR A 266 22.31 15.55 -16.53
N LEU A 267 21.67 14.92 -15.55
CA LEU A 267 21.86 15.28 -14.14
C LEU A 267 23.33 15.31 -13.72
N THR A 268 24.11 14.31 -14.13
CA THR A 268 25.51 14.25 -13.75
C THR A 268 26.44 15.24 -14.44
N SER A 269 25.90 16.00 -15.40
CA SER A 269 26.70 17.00 -16.08
C SER A 269 26.14 18.36 -15.72
N ASN A 270 25.06 18.37 -14.95
CA ASN A 270 24.40 19.61 -14.56
C ASN A 270 23.92 19.62 -13.12
N GLU A 271 24.68 18.98 -12.23
CA GLU A 271 24.30 18.92 -10.81
C GLU A 271 23.98 20.30 -10.24
N GLY A 272 24.80 21.29 -10.59
CA GLY A 272 24.59 22.64 -10.10
C GLY A 272 23.28 23.29 -10.51
N VAL A 273 22.80 22.98 -11.71
CA VAL A 273 21.55 23.56 -12.19
C VAL A 273 20.34 23.15 -11.34
N VAL A 274 20.34 21.92 -10.85
CA VAL A 274 19.23 21.41 -10.05
C VAL A 274 19.58 21.31 -8.57
N SER A 275 20.80 21.72 -8.21
CA SER A 275 21.28 21.64 -6.84
C SER A 275 20.36 22.29 -5.81
N GLY A 276 19.76 23.41 -6.20
CA GLY A 276 18.85 24.13 -5.32
C GLY A 276 18.82 23.68 -3.87
N SER A 277 17.64 23.33 -3.37
CA SER A 277 17.48 22.88 -1.99
C SER A 277 16.13 22.17 -1.81
N VAL B 19 -17.09 -19.57 -4.73
CA VAL B 19 -17.98 -18.57 -5.38
C VAL B 19 -17.23 -17.75 -6.43
N THR B 20 -17.93 -17.41 -7.48
CA THR B 20 -17.37 -16.65 -8.59
C THR B 20 -17.62 -15.15 -8.44
N GLN B 21 -16.76 -14.34 -9.06
CA GLN B 21 -16.91 -12.88 -9.01
C GLN B 21 -18.21 -12.49 -9.69
N ARG B 22 -18.53 -13.17 -10.80
CA ARG B 22 -19.75 -12.91 -11.57
C ARG B 22 -21.00 -13.24 -10.75
N GLU B 23 -20.91 -14.27 -9.92
CA GLU B 23 -22.05 -14.64 -9.09
C GLU B 23 -22.33 -13.54 -8.08
N LEU B 24 -21.27 -12.98 -7.50
CA LEU B 24 -21.42 -11.91 -6.52
C LEU B 24 -21.94 -10.66 -7.22
N PHE B 25 -21.52 -10.48 -8.47
CA PHE B 25 -21.95 -9.37 -9.30
C PHE B 25 -23.46 -9.52 -9.58
N GLU B 26 -23.87 -10.75 -9.89
CA GLU B 26 -25.27 -11.04 -10.15
C GLU B 26 -26.05 -10.96 -8.85
N PHE B 27 -25.42 -11.34 -7.75
CA PHE B 27 -26.09 -11.26 -6.47
C PHE B 27 -26.44 -9.79 -6.16
N VAL B 28 -25.53 -8.86 -6.48
CA VAL B 28 -25.81 -7.44 -6.23
C VAL B 28 -26.98 -7.03 -7.10
N LEU B 29 -26.89 -7.28 -8.40
CA LEU B 29 -28.03 -7.00 -9.26
C LEU B 29 -28.97 -8.07 -8.68
N ASN B 30 -30.23 -8.10 -9.05
CA ASN B 30 -31.15 -9.12 -8.50
C ASN B 30 -31.66 -8.72 -7.12
N ASP B 31 -30.88 -7.92 -6.38
CA ASP B 31 -31.29 -7.45 -5.07
C ASP B 31 -31.37 -5.93 -5.14
N PRO B 32 -32.55 -5.40 -5.48
CA PRO B 32 -32.85 -3.96 -5.63
C PRO B 32 -32.25 -3.06 -4.55
N LEU B 33 -32.40 -3.46 -3.29
CA LEU B 33 -31.88 -2.71 -2.15
C LEU B 33 -30.37 -2.58 -2.25
N LEU B 34 -29.70 -3.73 -2.29
CA LEU B 34 -28.26 -3.79 -2.37
C LEU B 34 -27.74 -3.11 -3.63
N ALA B 35 -28.35 -3.40 -4.77
CA ALA B 35 -27.95 -2.82 -6.04
C ALA B 35 -28.05 -1.30 -6.02
N SER B 36 -29.16 -0.76 -5.52
CA SER B 36 -29.34 0.68 -5.48
C SER B 36 -28.31 1.39 -4.58
N SER B 37 -27.95 0.77 -3.47
CA SER B 37 -26.99 1.38 -2.55
C SER B 37 -25.61 1.59 -3.20
N LEU B 38 -25.27 0.68 -4.12
CA LEU B 38 -23.99 0.69 -4.82
C LEU B 38 -23.96 1.54 -6.09
N TYR B 39 -24.88 1.29 -7.02
CA TYR B 39 -24.90 2.04 -8.27
C TYR B 39 -25.26 3.52 -8.13
N ILE B 40 -25.99 3.86 -7.07
CA ILE B 40 -26.35 5.27 -6.86
C ILE B 40 -25.09 6.05 -6.50
N ASN B 41 -24.22 5.46 -5.68
CA ASN B 41 -23.01 6.17 -5.30
C ASN B 41 -21.94 6.16 -6.38
N ILE B 42 -22.06 5.25 -7.35
CA ILE B 42 -21.11 5.26 -8.44
C ILE B 42 -21.48 6.53 -9.22
N ALA B 43 -22.78 6.72 -9.42
CA ALA B 43 -23.31 7.88 -10.15
C ALA B 43 -23.02 9.18 -9.38
N LEU B 44 -23.34 9.19 -8.08
CA LEU B 44 -23.14 10.35 -7.22
C LEU B 44 -21.66 10.73 -7.05
N ALA B 45 -20.80 9.73 -6.84
CA ALA B 45 -19.37 10.01 -6.68
C ALA B 45 -18.82 10.59 -7.99
N GLY B 46 -19.26 10.02 -9.11
CA GLY B 46 -18.81 10.49 -10.41
C GLY B 46 -19.27 11.92 -10.70
N LEU B 47 -20.52 12.21 -10.36
CA LEU B 47 -21.08 13.55 -10.57
C LEU B 47 -20.36 14.54 -9.65
N SER B 48 -20.00 14.08 -8.45
CA SER B 48 -19.31 14.94 -7.48
C SER B 48 -17.94 15.36 -8.01
N ILE B 49 -17.19 14.42 -8.55
CA ILE B 49 -15.87 14.72 -9.09
C ILE B 49 -15.98 15.80 -10.16
N LEU B 50 -16.94 15.64 -11.06
CA LEU B 50 -17.13 16.60 -12.14
C LEU B 50 -17.52 17.98 -11.59
N LEU B 51 -18.43 18.00 -10.62
CA LEU B 51 -18.86 19.26 -10.01
C LEU B 51 -17.72 19.94 -9.26
N PHE B 52 -16.96 19.15 -8.51
CA PHE B 52 -15.87 19.71 -7.73
C PHE B 52 -14.75 20.27 -8.59
N VAL B 53 -14.50 19.64 -9.73
CA VAL B 53 -13.46 20.12 -10.63
C VAL B 53 -13.93 21.44 -11.25
N PHE B 54 -15.21 21.50 -11.60
CA PHE B 54 -15.77 22.72 -12.19
C PHE B 54 -15.74 23.87 -11.18
N MET B 55 -16.11 23.59 -9.93
CA MET B 55 -16.14 24.57 -8.84
C MET B 55 -14.79 25.19 -8.53
N THR B 56 -13.74 24.39 -8.57
CA THR B 56 -12.40 24.86 -8.23
C THR B 56 -11.51 25.25 -9.40
N ARG B 57 -12.07 25.30 -10.60
CA ARG B 57 -11.30 25.65 -11.80
C ARG B 57 -10.62 27.01 -11.68
N GLY B 58 -11.18 27.89 -10.86
CA GLY B 58 -10.62 29.22 -10.71
C GLY B 58 -9.52 29.40 -9.68
N LEU B 59 -9.26 28.39 -8.86
CA LEU B 59 -8.23 28.49 -7.82
C LEU B 59 -6.86 28.79 -8.40
N ASP B 60 -6.10 29.65 -7.73
CA ASP B 60 -4.76 30.02 -8.18
C ASP B 60 -3.71 29.74 -7.12
N ASP B 61 -4.10 29.86 -5.85
CA ASP B 61 -3.15 29.62 -4.77
C ASP B 61 -2.81 28.15 -4.64
N PRO B 62 -1.51 27.82 -4.63
CA PRO B 62 -1.07 26.43 -4.50
C PRO B 62 -1.51 25.72 -3.22
N ARG B 63 -1.60 26.43 -2.11
CA ARG B 63 -2.02 25.77 -0.87
C ARG B 63 -3.51 25.45 -0.94
N ALA B 64 -4.28 26.37 -1.53
CA ALA B 64 -5.70 26.16 -1.68
C ALA B 64 -5.91 25.00 -2.66
N LYS B 65 -5.07 24.96 -3.69
CA LYS B 65 -5.14 23.90 -4.69
C LYS B 65 -4.82 22.54 -4.09
N LEU B 66 -3.89 22.53 -3.13
CA LEU B 66 -3.51 21.29 -2.45
C LEU B 66 -4.72 20.78 -1.67
N ILE B 67 -5.43 21.71 -1.02
CA ILE B 67 -6.59 21.33 -0.24
C ILE B 67 -7.69 20.81 -1.16
N ALA B 68 -7.86 21.46 -2.32
CA ALA B 68 -8.89 21.04 -3.26
C ALA B 68 -8.58 19.66 -3.91
N VAL B 69 -7.34 19.42 -4.30
CA VAL B 69 -6.98 18.12 -4.91
C VAL B 69 -7.21 16.99 -3.91
N SER B 70 -6.77 17.19 -2.67
CA SER B 70 -6.92 16.20 -1.62
C SER B 70 -8.41 15.85 -1.40
N THR B 71 -9.26 16.88 -1.49
CA THR B 71 -10.69 16.72 -1.31
C THR B 71 -11.31 16.01 -2.50
N ILE B 72 -10.88 16.39 -3.70
CA ILE B 72 -11.39 15.78 -4.91
C ILE B 72 -11.01 14.29 -4.97
N LEU B 73 -9.88 13.92 -4.36
CA LEU B 73 -9.47 12.52 -4.36
C LEU B 73 -10.42 11.65 -3.52
N VAL B 74 -11.16 12.28 -2.61
CA VAL B 74 -12.08 11.53 -1.75
C VAL B 74 -13.16 10.85 -2.59
N PRO B 75 -13.84 11.59 -3.48
CA PRO B 75 -14.85 10.92 -4.31
C PRO B 75 -14.21 10.11 -5.43
N VAL B 76 -12.94 10.38 -5.76
CA VAL B 76 -12.25 9.61 -6.80
C VAL B 76 -12.02 8.20 -6.26
N VAL B 77 -11.63 8.11 -5.00
CA VAL B 77 -11.39 6.83 -4.36
C VAL B 77 -12.76 6.15 -4.15
N SER B 78 -13.77 6.96 -3.86
CA SER B 78 -15.11 6.43 -3.63
C SER B 78 -15.72 5.78 -4.85
N ILE B 79 -15.57 6.40 -6.03
CA ILE B 79 -16.16 5.83 -7.22
C ILE B 79 -15.49 4.49 -7.57
N ALA B 80 -14.19 4.40 -7.36
CA ALA B 80 -13.47 3.16 -7.64
C ALA B 80 -13.90 2.09 -6.62
N SER B 81 -14.10 2.49 -5.36
CA SER B 81 -14.52 1.59 -4.28
C SER B 81 -15.87 0.92 -4.57
N TYR B 82 -16.82 1.73 -5.01
CA TYR B 82 -18.17 1.25 -5.34
C TYR B 82 -18.19 0.44 -6.64
N THR B 83 -17.22 0.69 -7.51
CA THR B 83 -17.13 -0.06 -8.75
C THR B 83 -16.57 -1.43 -8.34
N GLY B 84 -15.63 -1.42 -7.39
CA GLY B 84 -15.04 -2.67 -6.91
C GLY B 84 -16.08 -3.54 -6.23
N LEU B 85 -17.00 -2.89 -5.51
CA LEU B 85 -18.06 -3.61 -4.82
C LEU B 85 -19.13 -4.10 -5.80
N ALA B 86 -19.68 -3.21 -6.62
CA ALA B 86 -20.74 -3.57 -7.58
C ALA B 86 -20.31 -4.59 -8.62
N SER B 87 -19.02 -4.61 -8.96
CA SER B 87 -18.52 -5.56 -9.96
C SER B 87 -18.23 -6.92 -9.32
N GLY B 88 -18.25 -6.97 -7.99
CA GLY B 88 -17.98 -8.21 -7.28
C GLY B 88 -16.51 -8.44 -6.99
N LEU B 89 -15.66 -7.58 -7.52
CA LEU B 89 -14.22 -7.68 -7.32
C LEU B 89 -13.84 -7.67 -5.84
N THR B 90 -14.41 -6.74 -5.07
CA THR B 90 -14.08 -6.65 -3.66
C THR B 90 -15.13 -7.14 -2.66
N ILE B 91 -15.87 -8.18 -3.05
CA ILE B 91 -16.88 -8.77 -2.17
C ILE B 91 -16.56 -10.25 -2.12
N SER B 92 -16.70 -10.86 -0.94
CA SER B 92 -16.46 -12.29 -0.77
C SER B 92 -17.57 -12.91 0.09
N VAL B 93 -17.70 -14.23 0.00
CA VAL B 93 -18.68 -14.92 0.82
C VAL B 93 -17.85 -15.66 1.86
N LEU B 94 -18.02 -15.28 3.13
CA LEU B 94 -17.24 -15.90 4.19
C LEU B 94 -18.14 -16.60 5.22
N GLU B 95 -17.58 -17.59 5.90
CA GLU B 95 -18.34 -18.31 6.94
C GLU B 95 -17.90 -17.77 8.29
N MET B 96 -18.87 -17.43 9.12
CA MET B 96 -18.56 -16.88 10.44
C MET B 96 -18.14 -17.94 11.45
N PRO B 97 -17.21 -17.59 12.35
CA PRO B 97 -16.69 -18.50 13.38
C PRO B 97 -17.76 -19.02 14.34
N ALA B 98 -17.37 -20.06 15.09
CA ALA B 98 -18.27 -20.67 16.06
C ALA B 98 -18.84 -19.65 17.04
N GLY B 99 -20.18 -19.60 17.12
CA GLY B 99 -20.83 -18.69 18.05
C GLY B 99 -21.27 -17.37 17.46
N HIS B 100 -20.67 -16.97 16.34
CA HIS B 100 -21.01 -15.72 15.69
C HIS B 100 -22.51 -15.67 15.40
N PHE B 101 -23.13 -14.54 15.72
CA PHE B 101 -24.57 -14.35 15.52
C PHE B 101 -25.09 -14.70 14.14
N ALA B 102 -24.20 -14.74 13.16
CA ALA B 102 -24.60 -15.08 11.79
C ALA B 102 -23.97 -16.38 11.29
N GLU B 103 -23.42 -17.17 12.19
CA GLU B 103 -22.82 -18.43 11.78
C GLU B 103 -23.94 -19.38 11.34
N GLY B 104 -23.65 -20.23 10.37
CA GLY B 104 -24.66 -21.15 9.89
C GLY B 104 -25.55 -20.55 8.81
N SER B 105 -25.40 -19.25 8.57
CA SER B 105 -26.19 -18.56 7.55
C SER B 105 -25.78 -19.03 6.15
N SER B 106 -26.62 -18.72 5.16
CA SER B 106 -26.35 -19.09 3.78
C SER B 106 -26.71 -17.89 2.91
N VAL B 107 -26.20 -17.85 1.68
CA VAL B 107 -26.47 -16.71 0.81
C VAL B 107 -27.26 -16.98 -0.47
N MET B 108 -27.01 -18.10 -1.13
CA MET B 108 -27.74 -18.40 -2.36
C MET B 108 -27.38 -17.50 -3.56
N LEU B 109 -26.56 -18.04 -4.45
CA LEU B 109 -26.15 -17.33 -5.65
C LEU B 109 -26.95 -17.92 -6.82
N GLY B 110 -27.88 -17.13 -7.35
CA GLY B 110 -28.69 -17.62 -8.45
C GLY B 110 -29.57 -18.77 -8.00
N GLY B 111 -29.29 -19.96 -8.51
CA GLY B 111 -30.07 -21.13 -8.14
C GLY B 111 -29.39 -21.97 -7.08
N GLU B 112 -28.13 -21.68 -6.79
CA GLU B 112 -27.38 -22.43 -5.79
C GLU B 112 -27.33 -21.73 -4.43
N GLU B 113 -27.20 -22.52 -3.38
CA GLU B 113 -27.12 -21.97 -2.03
C GLU B 113 -25.77 -22.31 -1.41
N VAL B 114 -25.10 -21.29 -0.89
CA VAL B 114 -23.78 -21.46 -0.29
C VAL B 114 -23.80 -20.97 1.15
N ASP B 115 -22.98 -21.58 2.00
CA ASP B 115 -22.92 -21.18 3.40
C ASP B 115 -22.04 -19.94 3.56
N GLY B 116 -22.42 -19.08 4.50
CA GLY B 116 -21.65 -17.88 4.76
C GLY B 116 -22.45 -16.60 4.66
N VAL B 117 -21.76 -15.48 4.76
CA VAL B 117 -22.39 -14.16 4.68
C VAL B 117 -21.69 -13.35 3.59
N VAL B 118 -22.39 -12.35 3.05
CA VAL B 118 -21.81 -11.51 2.02
C VAL B 118 -20.93 -10.45 2.71
N THR B 119 -19.61 -10.63 2.60
CA THR B 119 -18.66 -9.73 3.21
C THR B 119 -18.17 -8.69 2.20
N MET B 120 -18.58 -7.44 2.39
CA MET B 120 -18.18 -6.39 1.48
C MET B 120 -16.92 -5.66 1.99
N TRP B 121 -15.83 -6.41 2.04
CA TRP B 121 -14.57 -5.88 2.52
C TRP B 121 -14.01 -4.76 1.65
N GLY B 122 -14.50 -4.64 0.43
CA GLY B 122 -14.04 -3.57 -0.44
C GLY B 122 -14.20 -2.20 0.20
N ARG B 123 -15.22 -2.04 1.04
CA ARG B 123 -15.46 -0.76 1.72
C ARG B 123 -14.33 -0.43 2.68
N TYR B 124 -14.02 -1.38 3.55
CA TYR B 124 -12.98 -1.24 4.57
C TYR B 124 -11.61 -1.01 3.98
N LEU B 125 -11.34 -1.68 2.86
CA LEU B 125 -10.05 -1.53 2.20
C LEU B 125 -9.90 -0.12 1.62
N THR B 126 -10.92 0.37 0.92
CA THR B 126 -10.77 1.70 0.33
C THR B 126 -10.83 2.84 1.35
N TRP B 127 -11.41 2.60 2.52
CA TRP B 127 -11.48 3.66 3.53
C TRP B 127 -10.06 4.06 3.93
N ALA B 128 -9.12 3.11 3.83
CA ALA B 128 -7.72 3.36 4.16
C ALA B 128 -7.09 4.34 3.17
N LEU B 129 -7.77 4.58 2.06
CA LEU B 129 -7.27 5.51 1.04
C LEU B 129 -8.03 6.84 1.01
N SER B 130 -9.35 6.78 1.20
CA SER B 130 -10.17 7.98 1.16
C SER B 130 -10.23 8.76 2.47
N THR B 131 -10.23 8.05 3.61
CA THR B 131 -10.31 8.75 4.87
C THR B 131 -9.03 9.55 5.20
N PRO B 132 -7.86 9.09 4.72
CA PRO B 132 -6.64 9.85 5.00
C PRO B 132 -6.70 11.17 4.23
N MET B 133 -7.38 11.12 3.08
CA MET B 133 -7.52 12.30 2.24
C MET B 133 -8.50 13.31 2.85
N ILE B 134 -9.52 12.81 3.53
CA ILE B 134 -10.49 13.68 4.20
C ILE B 134 -9.74 14.38 5.35
N LEU B 135 -8.92 13.59 6.05
CA LEU B 135 -8.16 14.09 7.20
C LEU B 135 -7.09 15.10 6.80
N LEU B 136 -6.43 14.84 5.67
CA LEU B 136 -5.38 15.73 5.15
C LEU B 136 -6.00 17.07 4.76
N ALA B 137 -7.16 17.03 4.08
CA ALA B 137 -7.84 18.25 3.67
C ALA B 137 -8.28 19.06 4.90
N LEU B 138 -8.89 18.38 5.86
CA LEU B 138 -9.36 19.00 7.10
C LEU B 138 -8.20 19.56 7.95
N GLY B 139 -7.13 18.77 8.08
CA GLY B 139 -5.99 19.21 8.85
C GLY B 139 -5.39 20.47 8.27
N LEU B 140 -5.20 20.47 6.95
CA LEU B 140 -4.65 21.63 6.26
C LEU B 140 -5.57 22.85 6.41
N LEU B 141 -6.87 22.62 6.29
CA LEU B 141 -7.85 23.70 6.42
C LEU B 141 -7.75 24.36 7.78
N ALA B 142 -7.48 23.54 8.81
CA ALA B 142 -7.37 24.02 10.18
C ALA B 142 -5.98 24.55 10.51
N GLY B 143 -5.06 24.49 9.54
CA GLY B 143 -3.72 24.98 9.75
C GLY B 143 -2.84 24.08 10.61
N SER B 144 -3.16 22.80 10.66
CA SER B 144 -2.40 21.83 11.45
C SER B 144 -0.91 21.82 11.09
N ASN B 145 -0.08 21.29 11.99
CA ASN B 145 1.33 21.19 11.71
C ASN B 145 1.56 19.76 11.21
N ALA B 146 2.78 19.44 10.80
CA ALA B 146 3.07 18.11 10.28
C ALA B 146 2.85 16.98 11.27
N THR B 147 3.28 17.21 12.51
CA THR B 147 3.16 16.19 13.56
C THR B 147 1.74 15.67 13.76
N LYS B 148 0.78 16.60 13.80
CA LYS B 148 -0.61 16.24 14.01
C LYS B 148 -1.22 15.57 12.79
N LEU B 149 -0.84 16.04 11.60
CA LEU B 149 -1.33 15.48 10.35
C LEU B 149 -0.87 14.02 10.27
N PHE B 150 0.40 13.81 10.62
CA PHE B 150 1.02 12.48 10.59
C PHE B 150 0.35 11.52 11.57
N THR B 151 0.01 12.03 12.75
CA THR B 151 -0.63 11.23 13.79
C THR B 151 -2.06 10.86 13.36
N ALA B 152 -2.85 11.87 12.98
CA ALA B 152 -4.21 11.64 12.54
C ALA B 152 -4.27 10.60 11.41
N ILE B 153 -3.50 10.85 10.36
CA ILE B 153 -3.44 9.99 9.20
C ILE B 153 -2.94 8.58 9.44
N THR B 154 -1.84 8.40 10.19
CA THR B 154 -1.34 7.05 10.44
C THR B 154 -2.33 6.21 11.27
N PHE B 155 -2.82 6.78 12.36
CA PHE B 155 -3.77 6.04 13.19
C PHE B 155 -5.09 5.82 12.47
N ASP B 156 -5.42 6.72 11.55
CA ASP B 156 -6.63 6.58 10.77
C ASP B 156 -6.49 5.36 9.85
N ILE B 157 -5.33 5.25 9.21
CA ILE B 157 -5.04 4.12 8.33
C ILE B 157 -5.03 2.84 9.16
N ALA B 158 -4.43 2.89 10.35
CA ALA B 158 -4.39 1.73 11.23
C ALA B 158 -5.81 1.25 11.61
N MET B 159 -6.71 2.19 11.80
CA MET B 159 -8.10 1.91 12.15
C MET B 159 -8.83 1.19 11.01
N CYS B 160 -8.60 1.67 9.79
CA CYS B 160 -9.21 1.08 8.61
C CYS B 160 -8.69 -0.32 8.33
N VAL B 161 -7.39 -0.52 8.53
CA VAL B 161 -6.79 -1.82 8.27
C VAL B 161 -7.16 -2.88 9.29
N THR B 162 -7.20 -2.51 10.57
CA THR B 162 -7.55 -3.49 11.59
C THR B 162 -9.04 -3.82 11.46
N GLY B 163 -9.83 -2.88 10.96
CA GLY B 163 -11.25 -3.14 10.76
C GLY B 163 -11.41 -4.13 9.60
N LEU B 164 -10.55 -4.01 8.59
CA LEU B 164 -10.60 -4.91 7.44
C LEU B 164 -10.23 -6.30 7.97
N ALA B 165 -9.16 -6.35 8.76
CA ALA B 165 -8.70 -7.59 9.36
C ALA B 165 -9.81 -8.28 10.15
N ALA B 166 -10.56 -7.50 10.93
CA ALA B 166 -11.66 -8.04 11.72
C ALA B 166 -12.73 -8.65 10.82
N ALA B 167 -13.04 -7.99 9.71
CA ALA B 167 -14.05 -8.49 8.79
C ALA B 167 -13.58 -9.76 8.07
N LEU B 168 -12.27 -9.88 7.89
CA LEU B 168 -11.70 -11.03 7.20
C LEU B 168 -11.36 -12.24 8.09
N THR B 169 -11.41 -12.05 9.40
CA THR B 169 -11.13 -13.13 10.35
C THR B 169 -12.35 -14.01 10.52
N THR B 170 -12.20 -15.30 10.21
CA THR B 170 -13.31 -16.24 10.31
C THR B 170 -12.99 -17.42 11.22
N SER B 171 -11.83 -17.39 11.85
CA SER B 171 -11.40 -18.47 12.72
C SER B 171 -11.99 -18.36 14.13
N SER B 172 -12.09 -17.13 14.62
CA SER B 172 -12.59 -16.89 15.97
C SER B 172 -13.51 -15.68 16.08
N HIS B 173 -14.59 -15.83 16.82
CA HIS B 173 -15.56 -14.76 17.04
C HIS B 173 -14.91 -13.70 17.93
N LEU B 174 -14.10 -14.17 18.88
CA LEU B 174 -13.44 -13.26 19.81
C LEU B 174 -12.35 -12.44 19.12
N MET B 175 -11.53 -13.09 18.29
CA MET B 175 -10.47 -12.39 17.57
C MET B 175 -11.09 -11.25 16.76
N ARG B 176 -12.24 -11.53 16.15
CA ARG B 176 -12.94 -10.52 15.34
C ARG B 176 -13.21 -9.26 16.16
N TRP B 177 -13.82 -9.42 17.32
CA TRP B 177 -14.13 -8.27 18.16
C TRP B 177 -12.88 -7.68 18.80
N PHE B 178 -11.81 -8.46 18.85
CA PHE B 178 -10.56 -7.97 19.43
C PHE B 178 -9.93 -6.98 18.43
N TRP B 179 -10.00 -7.31 17.15
CA TRP B 179 -9.45 -6.41 16.13
C TRP B 179 -10.32 -5.16 16.11
N TYR B 180 -11.61 -5.35 16.33
CA TYR B 180 -12.57 -4.26 16.36
C TYR B 180 -12.18 -3.29 17.48
N ALA B 181 -11.64 -3.84 18.58
CA ALA B 181 -11.25 -3.03 19.72
C ALA B 181 -10.00 -2.22 19.37
N ILE B 182 -9.03 -2.88 18.77
CA ILE B 182 -7.79 -2.22 18.36
C ILE B 182 -8.13 -1.04 17.45
N SER B 183 -9.06 -1.29 16.53
CA SER B 183 -9.50 -0.27 15.58
C SER B 183 -10.16 0.91 16.29
N CYS B 184 -10.97 0.61 17.32
CA CYS B 184 -11.64 1.64 18.10
C CYS B 184 -10.59 2.50 18.80
N ALA B 185 -9.53 1.86 19.28
CA ALA B 185 -8.46 2.60 19.97
C ALA B 185 -7.80 3.59 19.01
N CYS B 186 -7.55 3.17 17.78
CA CYS B 186 -6.92 4.04 16.80
C CYS B 186 -7.87 5.19 16.46
N PHE B 187 -9.16 4.89 16.46
CA PHE B 187 -10.20 5.86 16.16
C PHE B 187 -10.26 6.99 17.21
N ILE B 188 -10.16 6.66 18.50
CA ILE B 188 -10.20 7.71 19.52
C ILE B 188 -9.06 8.71 19.31
N VAL B 189 -7.91 8.24 18.81
CA VAL B 189 -6.78 9.11 18.54
C VAL B 189 -7.18 10.16 17.51
N VAL B 190 -7.76 9.68 16.40
CA VAL B 190 -8.21 10.56 15.34
C VAL B 190 -9.24 11.55 15.89
N LEU B 191 -10.17 11.02 16.67
CA LEU B 191 -11.23 11.84 17.27
C LEU B 191 -10.63 12.92 18.16
N TYR B 192 -9.62 12.55 18.93
CA TYR B 192 -8.97 13.49 19.83
C TYR B 192 -8.35 14.69 19.12
N ILE B 193 -7.58 14.42 18.07
CA ILE B 193 -6.96 15.53 17.35
C ILE B 193 -8.01 16.37 16.62
N LEU B 194 -9.09 15.73 16.16
CA LEU B 194 -10.16 16.46 15.47
C LEU B 194 -10.92 17.38 16.43
N LEU B 195 -11.29 16.82 17.58
CA LEU B 195 -12.06 17.51 18.60
C LEU B 195 -11.27 18.49 19.46
N VAL B 196 -10.04 18.12 19.79
CA VAL B 196 -9.21 18.97 20.64
C VAL B 196 -8.19 19.80 19.85
N GLU B 197 -7.15 19.14 19.36
CA GLU B 197 -6.06 19.79 18.63
C GLU B 197 -6.45 20.75 17.51
N TRP B 198 -7.09 20.22 16.46
CA TRP B 198 -7.46 21.05 15.31
C TRP B 198 -8.52 22.11 15.53
N ALA B 199 -9.37 21.91 16.54
CA ALA B 199 -10.39 22.89 16.86
C ALA B 199 -9.66 24.18 17.25
N GLN B 200 -8.53 24.02 17.94
CA GLN B 200 -7.70 25.14 18.37
C GLN B 200 -6.94 25.75 17.18
N ASP B 201 -6.28 24.88 16.42
CA ASP B 201 -5.50 25.30 15.24
C ASP B 201 -6.35 26.14 14.28
N ALA B 202 -7.58 25.72 14.08
CA ALA B 202 -8.49 26.41 13.17
C ALA B 202 -8.70 27.88 13.54
N LYS B 203 -8.76 28.17 14.84
CA LYS B 203 -8.95 29.55 15.29
C LYS B 203 -7.77 30.40 14.85
N ALA B 204 -6.57 29.87 15.06
CA ALA B 204 -5.35 30.56 14.70
C ALA B 204 -5.19 30.71 13.19
N ALA B 205 -5.85 29.83 12.43
CA ALA B 205 -5.77 29.87 10.97
C ALA B 205 -6.86 30.73 10.33
N GLY B 206 -7.87 31.08 11.11
CA GLY B 206 -8.96 31.90 10.59
C GLY B 206 -10.04 31.07 9.92
N THR B 207 -10.04 29.77 10.18
CA THR B 207 -11.02 28.87 9.59
C THR B 207 -11.90 28.16 10.63
N ALA B 208 -11.99 28.73 11.83
CA ALA B 208 -12.78 28.14 12.92
C ALA B 208 -14.25 27.89 12.55
N ASP B 209 -14.81 28.81 11.78
CA ASP B 209 -16.20 28.73 11.33
C ASP B 209 -16.50 27.50 10.48
N ILE B 210 -15.83 27.39 9.34
CA ILE B 210 -16.03 26.26 8.44
C ILE B 210 -15.51 24.97 9.07
N PHE B 211 -14.48 25.06 9.90
CA PHE B 211 -13.93 23.87 10.53
C PHE B 211 -14.91 23.23 11.50
N SER B 212 -15.47 24.05 12.40
CA SER B 212 -16.43 23.53 13.37
C SER B 212 -17.58 22.79 12.69
N THR B 213 -17.98 23.27 11.52
CA THR B 213 -19.06 22.65 10.77
C THR B 213 -18.64 21.29 10.23
N LEU B 214 -17.50 21.27 9.54
CA LEU B 214 -16.97 20.03 8.96
C LEU B 214 -16.56 19.04 10.04
N LYS B 215 -16.06 19.55 11.15
CA LYS B 215 -15.64 18.71 12.27
C LYS B 215 -16.85 18.04 12.89
N LEU B 216 -17.90 18.82 13.10
CA LEU B 216 -19.14 18.31 13.69
C LEU B 216 -19.67 17.20 12.78
N LEU B 217 -19.76 17.49 11.49
CA LEU B 217 -20.24 16.56 10.49
C LEU B 217 -19.38 15.29 10.45
N THR B 218 -18.06 15.49 10.43
CA THR B 218 -17.12 14.37 10.40
C THR B 218 -17.25 13.45 11.60
N VAL B 219 -17.21 14.02 12.80
CA VAL B 219 -17.31 13.23 14.01
C VAL B 219 -18.60 12.45 14.13
N VAL B 220 -19.72 13.09 13.81
CA VAL B 220 -21.01 12.42 13.90
C VAL B 220 -21.20 11.34 12.84
N MET B 221 -20.80 11.64 11.60
CA MET B 221 -20.95 10.65 10.53
C MET B 221 -20.01 9.47 10.69
N TRP B 222 -18.76 9.74 11.11
CA TRP B 222 -17.75 8.68 11.30
C TRP B 222 -18.10 7.70 12.43
N LEU B 223 -18.70 8.22 13.49
CA LEU B 223 -19.11 7.39 14.60
C LEU B 223 -20.14 6.38 14.10
N GLY B 224 -20.85 6.73 13.03
CA GLY B 224 -21.85 5.84 12.49
C GLY B 224 -21.31 4.54 11.89
N TYR B 225 -20.13 4.58 11.28
CA TYR B 225 -19.57 3.38 10.69
C TYR B 225 -19.36 2.21 11.67
N PRO B 226 -18.64 2.43 12.79
CA PRO B 226 -18.49 1.29 13.69
C PRO B 226 -19.82 0.81 14.27
N ILE B 227 -20.81 1.68 14.33
CA ILE B 227 -22.12 1.29 14.83
C ILE B 227 -22.75 0.34 13.82
N VAL B 228 -22.77 0.76 12.56
CA VAL B 228 -23.31 -0.04 11.48
C VAL B 228 -22.59 -1.39 11.39
N TRP B 229 -21.28 -1.36 11.58
CA TRP B 229 -20.49 -2.58 11.51
C TRP B 229 -21.02 -3.59 12.55
N ALA B 230 -21.19 -3.12 13.78
CA ALA B 230 -21.67 -3.97 14.87
C ALA B 230 -23.11 -4.49 14.71
N LEU B 231 -23.95 -3.73 14.03
CA LEU B 231 -25.35 -4.12 13.83
C LEU B 231 -25.61 -4.99 12.59
N GLY B 232 -24.69 -4.95 11.63
CA GLY B 232 -24.85 -5.73 10.42
C GLY B 232 -24.27 -7.13 10.52
N VAL B 233 -24.30 -7.86 9.41
CA VAL B 233 -23.81 -9.24 9.34
C VAL B 233 -22.43 -9.46 9.94
N GLU B 234 -21.58 -8.44 9.88
CA GLU B 234 -20.23 -8.55 10.43
C GLU B 234 -20.26 -8.64 11.95
N GLY B 235 -21.23 -7.92 12.54
CA GLY B 235 -21.35 -7.89 13.99
C GLY B 235 -22.38 -8.83 14.58
N VAL B 236 -23.42 -8.24 15.18
CA VAL B 236 -24.47 -9.03 15.82
C VAL B 236 -25.53 -9.44 14.80
N ALA B 237 -25.35 -8.99 13.56
CA ALA B 237 -26.26 -9.33 12.46
C ALA B 237 -27.74 -9.03 12.67
N VAL B 238 -28.08 -7.84 13.15
CA VAL B 238 -29.47 -7.48 13.34
C VAL B 238 -29.97 -6.77 12.08
N LEU B 239 -29.03 -6.32 11.26
CA LEU B 239 -29.34 -5.63 10.00
C LEU B 239 -28.98 -6.53 8.82
N PRO B 240 -29.87 -6.62 7.81
CA PRO B 240 -29.61 -7.45 6.62
C PRO B 240 -28.45 -6.84 5.83
N VAL B 241 -28.01 -7.51 4.78
CA VAL B 241 -26.92 -7.00 3.96
C VAL B 241 -27.33 -5.76 3.18
N GLY B 242 -28.57 -5.76 2.69
CA GLY B 242 -29.06 -4.61 1.92
C GLY B 242 -29.24 -3.35 2.75
N TYR B 243 -29.58 -3.54 4.03
CA TYR B 243 -29.78 -2.44 4.96
C TYR B 243 -28.46 -1.85 5.45
N THR B 244 -27.51 -2.74 5.76
CA THR B 244 -26.20 -2.34 6.22
C THR B 244 -25.45 -1.57 5.14
N SER B 245 -25.65 -1.98 3.88
CA SER B 245 -25.00 -1.34 2.75
C SER B 245 -25.57 0.07 2.51
N TRP B 246 -26.90 0.22 2.58
CA TRP B 246 -27.51 1.54 2.38
C TRP B 246 -27.11 2.48 3.52
N ALA B 247 -26.90 1.91 4.71
CA ALA B 247 -26.51 2.69 5.87
C ALA B 247 -25.12 3.28 5.61
N TYR B 248 -24.21 2.47 5.05
CA TYR B 248 -22.86 2.96 4.74
C TYR B 248 -22.91 3.92 3.56
N SER B 249 -23.72 3.60 2.55
CA SER B 249 -23.83 4.46 1.38
C SER B 249 -24.42 5.82 1.78
N ALA B 250 -25.27 5.82 2.80
CA ALA B 250 -25.89 7.05 3.29
C ALA B 250 -24.83 7.85 4.03
N LEU B 251 -24.03 7.15 4.84
CA LEU B 251 -22.98 7.81 5.58
C LEU B 251 -21.97 8.43 4.60
N ASP B 252 -21.58 7.68 3.58
CA ASP B 252 -20.64 8.17 2.56
C ASP B 252 -21.15 9.44 1.88
N ILE B 253 -22.45 9.46 1.55
CA ILE B 253 -23.06 10.61 0.89
C ILE B 253 -22.85 11.91 1.68
N VAL B 254 -22.84 11.80 3.00
CA VAL B 254 -22.63 12.97 3.85
C VAL B 254 -21.14 13.14 4.18
N ALA B 255 -20.55 12.11 4.77
CA ALA B 255 -19.15 12.14 5.17
C ALA B 255 -18.18 12.44 4.01
N LYS B 256 -18.60 12.15 2.78
CA LYS B 256 -17.75 12.38 1.61
C LYS B 256 -18.20 13.44 0.65
N TYR B 257 -19.37 13.20 0.03
CA TYR B 257 -19.86 14.11 -0.98
C TYR B 257 -20.36 15.48 -0.49
N ILE B 258 -21.24 15.53 0.51
CA ILE B 258 -21.68 16.86 0.95
C ILE B 258 -20.53 17.51 1.71
N PHE B 259 -19.80 16.72 2.49
CA PHE B 259 -18.64 17.22 3.24
C PHE B 259 -17.66 17.92 2.31
N ALA B 260 -17.40 17.30 1.15
CA ALA B 260 -16.50 17.85 0.16
C ALA B 260 -17.11 19.07 -0.52
N PHE B 261 -18.42 19.02 -0.76
CA PHE B 261 -19.06 20.16 -1.40
C PHE B 261 -18.94 21.41 -0.51
N LEU B 262 -19.17 21.21 0.78
CA LEU B 262 -19.11 22.29 1.77
C LEU B 262 -17.69 22.82 1.91
N LEU B 263 -16.72 21.92 1.98
CA LEU B 263 -15.33 22.33 2.10
C LEU B 263 -14.92 23.15 0.87
N LEU B 264 -15.13 22.59 -0.32
CA LEU B 264 -14.78 23.28 -1.56
C LEU B 264 -15.60 24.54 -1.80
N ASN B 265 -16.84 24.56 -1.31
CA ASN B 265 -17.72 25.73 -1.49
C ASN B 265 -17.09 26.88 -0.70
N TYR B 266 -16.59 26.56 0.49
CA TYR B 266 -15.94 27.53 1.35
C TYR B 266 -14.62 27.94 0.72
N LEU B 267 -13.81 26.95 0.40
CA LEU B 267 -12.49 27.16 -0.18
C LEU B 267 -12.46 28.12 -1.38
N THR B 268 -13.46 28.02 -2.25
CA THR B 268 -13.51 28.86 -3.44
C THR B 268 -13.94 30.30 -3.12
N SER B 269 -14.50 30.51 -1.94
CA SER B 269 -14.93 31.84 -1.52
C SER B 269 -13.89 32.44 -0.56
N ASN B 270 -13.01 31.58 -0.05
CA ASN B 270 -11.99 32.02 0.91
C ASN B 270 -10.59 31.57 0.55
N GLU B 271 -10.27 31.58 -0.74
CA GLU B 271 -8.95 31.17 -1.20
C GLU B 271 -7.83 31.95 -0.50
N GLY B 272 -8.07 33.23 -0.24
CA GLY B 272 -7.08 34.07 0.42
C GLY B 272 -6.78 33.67 1.86
N VAL B 273 -7.81 33.37 2.64
CA VAL B 273 -7.58 32.99 4.02
C VAL B 273 -6.79 31.69 4.13
N VAL B 274 -7.05 30.75 3.22
CA VAL B 274 -6.33 29.47 3.26
C VAL B 274 -4.94 29.56 2.66
N SER B 275 -4.68 30.59 1.87
CA SER B 275 -3.38 30.78 1.24
C SER B 275 -2.26 30.81 2.27
N GLY B 276 -2.57 31.30 3.45
CA GLY B 276 -1.58 31.38 4.51
C GLY B 276 -0.94 32.75 4.61
N VAL C 19 -7.96 -26.01 3.10
CA VAL C 19 -7.39 -25.49 4.38
C VAL C 19 -8.02 -24.17 4.77
N THR C 20 -8.78 -24.19 5.87
CA THR C 20 -9.47 -23.01 6.35
C THR C 20 -8.63 -22.22 7.35
N GLN C 21 -9.04 -20.99 7.62
CA GLN C 21 -8.37 -20.12 8.57
C GLN C 21 -8.55 -20.73 9.97
N ARG C 22 -9.72 -21.32 10.20
CA ARG C 22 -10.04 -21.95 11.47
C ARG C 22 -9.06 -23.06 11.83
N GLU C 23 -8.63 -23.82 10.83
CA GLU C 23 -7.69 -24.92 11.04
C GLU C 23 -6.29 -24.44 11.39
N LEU C 24 -5.93 -23.27 10.89
CA LEU C 24 -4.62 -22.68 11.17
C LEU C 24 -4.60 -22.04 12.54
N PHE C 25 -5.74 -21.46 12.94
CA PHE C 25 -5.88 -20.81 14.24
C PHE C 25 -5.56 -21.81 15.36
N GLU C 26 -6.34 -22.88 15.43
CA GLU C 26 -6.13 -23.88 16.46
C GLU C 26 -4.83 -24.66 16.23
N PHE C 27 -4.32 -24.62 15.00
CA PHE C 27 -3.07 -25.31 14.71
C PHE C 27 -1.97 -24.62 15.50
N VAL C 28 -2.11 -23.31 15.71
CA VAL C 28 -1.13 -22.55 16.48
C VAL C 28 -1.14 -23.14 17.89
N LEU C 29 -2.29 -23.66 18.28
CA LEU C 29 -2.44 -24.30 19.58
C LEU C 29 -1.91 -25.72 19.39
N ASN C 30 -2.10 -26.60 20.35
CA ASN C 30 -1.60 -27.97 20.21
C ASN C 30 -0.08 -27.92 19.99
N ASP C 31 0.47 -26.72 20.02
CA ASP C 31 1.89 -26.50 19.83
C ASP C 31 2.29 -25.24 20.60
N PRO C 32 2.33 -25.33 21.93
CA PRO C 32 2.67 -24.22 22.84
C PRO C 32 3.96 -23.50 22.45
N LEU C 33 4.83 -24.18 21.74
CA LEU C 33 6.10 -23.58 21.34
C LEU C 33 5.83 -22.44 20.34
N LEU C 34 4.91 -22.68 19.42
CA LEU C 34 4.56 -21.70 18.41
C LEU C 34 3.55 -20.68 18.95
N ALA C 35 2.55 -21.16 19.66
CA ALA C 35 1.52 -20.28 20.23
C ALA C 35 2.07 -19.23 21.18
N SER C 36 3.03 -19.61 22.01
CA SER C 36 3.62 -18.68 22.97
C SER C 36 4.35 -17.53 22.30
N SER C 37 5.22 -17.84 21.34
CA SER C 37 5.97 -16.80 20.64
C SER C 37 5.03 -15.75 20.05
N LEU C 38 3.80 -16.16 19.74
CA LEU C 38 2.81 -15.25 19.17
C LEU C 38 2.00 -14.47 20.19
N TYR C 39 1.24 -15.16 21.03
CA TYR C 39 0.43 -14.48 22.04
C TYR C 39 1.23 -13.67 23.05
N ILE C 40 2.50 -14.02 23.23
CA ILE C 40 3.35 -13.32 24.18
C ILE C 40 3.73 -11.92 23.71
N ASN C 41 4.00 -11.77 22.42
CA ASN C 41 4.36 -10.46 21.89
C ASN C 41 3.12 -9.58 21.75
N ILE C 42 1.94 -10.19 21.65
CA ILE C 42 0.69 -9.45 21.55
C ILE C 42 0.53 -8.64 22.83
N ALA C 43 0.79 -9.29 23.97
CA ALA C 43 0.68 -8.63 25.27
C ALA C 43 1.86 -7.69 25.52
N LEU C 44 3.06 -8.10 25.13
CA LEU C 44 4.23 -7.25 25.32
C LEU C 44 4.12 -6.00 24.45
N ALA C 45 3.57 -6.16 23.25
CA ALA C 45 3.40 -5.02 22.34
C ALA C 45 2.40 -4.04 22.95
N GLY C 46 1.26 -4.57 23.39
CA GLY C 46 0.24 -3.74 23.99
C GLY C 46 0.73 -3.06 25.26
N LEU C 47 1.42 -3.80 26.11
CA LEU C 47 1.94 -3.24 27.35
C LEU C 47 3.01 -2.18 27.05
N SER C 48 3.73 -2.36 25.95
CA SER C 48 4.76 -1.41 25.57
C SER C 48 4.10 -0.10 25.14
N ILE C 49 3.00 -0.22 24.42
CA ILE C 49 2.26 0.94 23.95
C ILE C 49 1.81 1.81 25.12
N LEU C 50 1.27 1.18 26.17
CA LEU C 50 0.80 1.91 27.34
C LEU C 50 1.96 2.66 28.00
N LEU C 51 3.04 1.94 28.26
CA LEU C 51 4.22 2.54 28.86
C LEU C 51 4.66 3.80 28.10
N PHE C 52 4.91 3.65 26.81
CA PHE C 52 5.35 4.77 25.97
C PHE C 52 4.44 5.98 26.01
N VAL C 53 3.13 5.76 25.94
CA VAL C 53 2.18 6.87 25.95
C VAL C 53 2.29 7.72 27.21
N PHE C 54 2.42 7.05 28.36
CA PHE C 54 2.54 7.77 29.63
C PHE C 54 3.94 8.33 29.82
N MET C 55 4.91 7.75 29.12
CA MET C 55 6.29 8.23 29.21
C MET C 55 6.45 9.53 28.45
N THR C 56 5.73 9.65 27.33
CA THR C 56 5.82 10.83 26.48
C THR C 56 4.73 11.87 26.72
N ARG C 57 4.01 11.73 27.83
CA ARG C 57 2.94 12.67 28.17
C ARG C 57 3.50 14.07 28.40
N GLY C 58 4.79 14.16 28.67
CA GLY C 58 5.40 15.46 28.92
C GLY C 58 5.86 16.27 27.72
N LEU C 59 6.00 15.63 26.56
CA LEU C 59 6.45 16.32 25.36
C LEU C 59 5.50 17.42 24.87
N ASP C 60 6.09 18.52 24.40
CA ASP C 60 5.32 19.66 23.90
C ASP C 60 5.91 20.17 22.58
N ASP C 61 7.15 19.78 22.31
CA ASP C 61 7.83 20.20 21.09
C ASP C 61 7.31 19.41 19.88
N PRO C 62 6.67 20.11 18.93
CA PRO C 62 6.14 19.41 17.75
C PRO C 62 7.13 18.46 17.07
N ARG C 63 8.42 18.79 17.08
CA ARG C 63 9.40 17.92 16.46
C ARG C 63 9.67 16.69 17.32
N ALA C 64 9.76 16.90 18.64
CA ALA C 64 9.99 15.80 19.57
C ALA C 64 8.74 14.91 19.57
N LYS C 65 7.58 15.52 19.33
CA LYS C 65 6.29 14.83 19.29
C LYS C 65 6.23 13.90 18.09
N LEU C 66 6.85 14.32 17.00
CA LEU C 66 6.86 13.56 15.76
C LEU C 66 7.68 12.28 15.97
N ILE C 67 8.85 12.43 16.57
CA ILE C 67 9.73 11.30 16.82
C ILE C 67 9.01 10.27 17.69
N ALA C 68 8.30 10.75 18.71
CA ALA C 68 7.58 9.86 19.62
C ALA C 68 6.46 9.08 18.92
N VAL C 69 5.59 9.78 18.20
CA VAL C 69 4.49 9.10 17.51
C VAL C 69 5.02 8.08 16.54
N SER C 70 6.09 8.45 15.84
CA SER C 70 6.73 7.58 14.88
C SER C 70 7.23 6.31 15.58
N THR C 71 7.78 6.50 16.78
CA THR C 71 8.30 5.39 17.59
C THR C 71 7.19 4.53 18.18
N ILE C 72 6.08 5.16 18.56
CA ILE C 72 4.96 4.45 19.16
C ILE C 72 4.24 3.57 18.14
N LEU C 73 4.29 3.95 16.87
CA LEU C 73 3.65 3.18 15.82
C LEU C 73 4.29 1.81 15.60
N VAL C 74 5.54 1.65 16.01
CA VAL C 74 6.21 0.35 15.83
C VAL C 74 5.50 -0.76 16.60
N PRO C 75 5.24 -0.55 17.91
CA PRO C 75 4.55 -1.59 18.68
C PRO C 75 3.08 -1.69 18.27
N VAL C 76 2.56 -0.62 17.68
CA VAL C 76 1.17 -0.61 17.22
C VAL C 76 1.03 -1.56 16.05
N VAL C 77 1.96 -1.48 15.09
CA VAL C 77 1.91 -2.38 13.93
C VAL C 77 2.24 -3.80 14.39
N SER C 78 3.04 -3.91 15.45
CA SER C 78 3.43 -5.22 15.97
C SER C 78 2.26 -6.02 16.59
N ILE C 79 1.42 -5.37 17.40
CA ILE C 79 0.28 -6.06 18.01
C ILE C 79 -0.67 -6.60 16.95
N ALA C 80 -0.87 -5.80 15.90
CA ALA C 80 -1.75 -6.18 14.80
C ALA C 80 -1.13 -7.30 14.00
N SER C 81 0.18 -7.22 13.82
CA SER C 81 0.91 -8.25 13.08
C SER C 81 0.76 -9.60 13.81
N TYR C 82 1.01 -9.62 15.11
CA TYR C 82 0.90 -10.86 15.87
C TYR C 82 -0.52 -11.37 15.97
N THR C 83 -1.49 -10.47 15.93
CA THR C 83 -2.88 -10.88 15.97
C THR C 83 -3.22 -11.54 14.63
N GLY C 84 -2.67 -10.99 13.55
CA GLY C 84 -2.90 -11.57 12.24
C GLY C 84 -2.33 -12.96 12.18
N LEU C 85 -1.14 -13.13 12.75
CA LEU C 85 -0.49 -14.44 12.78
C LEU C 85 -1.25 -15.37 13.71
N ALA C 86 -1.42 -14.93 14.95
CA ALA C 86 -2.12 -15.73 15.96
C ALA C 86 -3.51 -16.18 15.51
N SER C 87 -4.25 -15.30 14.84
CA SER C 87 -5.61 -15.64 14.39
C SER C 87 -5.64 -16.55 13.16
N GLY C 88 -4.52 -16.69 12.48
CA GLY C 88 -4.46 -17.53 11.31
C GLY C 88 -4.80 -16.74 10.05
N LEU C 89 -5.04 -15.44 10.23
CA LEU C 89 -5.40 -14.58 9.11
C LEU C 89 -4.25 -14.43 8.13
N THR C 90 -3.05 -14.16 8.63
CA THR C 90 -1.89 -13.96 7.78
C THR C 90 -0.92 -15.15 7.77
N ILE C 91 -1.49 -16.34 7.72
CA ILE C 91 -0.69 -17.57 7.69
C ILE C 91 -1.26 -18.48 6.62
N SER C 92 -0.39 -19.20 5.92
CA SER C 92 -0.83 -20.12 4.88
C SER C 92 0.00 -21.39 4.83
N VAL C 93 -0.55 -22.41 4.17
CA VAL C 93 0.18 -23.66 4.00
C VAL C 93 0.56 -23.73 2.53
N LEU C 94 1.85 -23.53 2.25
CA LEU C 94 2.37 -23.55 0.89
C LEU C 94 3.25 -24.77 0.62
N GLU C 95 3.18 -25.29 -0.61
CA GLU C 95 3.98 -26.45 -1.00
C GLU C 95 5.29 -25.95 -1.64
N MET C 96 6.41 -26.25 -0.98
CA MET C 96 7.70 -25.81 -1.50
C MET C 96 8.05 -26.54 -2.80
N PRO C 97 8.83 -25.88 -3.67
CA PRO C 97 9.25 -26.42 -4.97
C PRO C 97 10.30 -27.54 -4.88
N ALA C 98 10.36 -28.35 -5.93
CA ALA C 98 11.31 -29.45 -6.02
C ALA C 98 12.72 -28.97 -5.72
N GLY C 99 13.43 -29.70 -4.87
CA GLY C 99 14.79 -29.31 -4.52
C GLY C 99 14.85 -28.55 -3.22
N HIS C 100 13.71 -28.03 -2.79
CA HIS C 100 13.65 -27.30 -1.53
C HIS C 100 13.68 -28.32 -0.40
N PHE C 101 14.51 -28.08 0.60
CA PHE C 101 14.63 -28.99 1.74
C PHE C 101 13.33 -29.28 2.47
N ALA C 102 12.45 -28.28 2.56
CA ALA C 102 11.18 -28.46 3.24
C ALA C 102 10.13 -29.02 2.28
N GLU C 103 10.56 -29.34 1.06
CA GLU C 103 9.65 -29.89 0.06
C GLU C 103 9.32 -31.34 0.41
N GLY C 104 8.06 -31.70 0.27
CA GLY C 104 7.64 -33.05 0.58
C GLY C 104 7.16 -33.18 2.02
N SER C 105 7.02 -32.04 2.70
CA SER C 105 6.56 -32.00 4.09
C SER C 105 5.05 -32.02 4.22
N SER C 106 4.59 -32.29 5.44
CA SER C 106 3.17 -32.31 5.75
C SER C 106 2.96 -31.43 6.98
N VAL C 107 1.71 -31.10 7.27
CA VAL C 107 1.41 -30.26 8.42
C VAL C 107 0.31 -30.85 9.29
N MET C 108 -0.79 -31.26 8.67
CA MET C 108 -1.91 -31.84 9.41
C MET C 108 -2.49 -30.80 10.36
N LEU C 109 -3.59 -30.17 9.93
CA LEU C 109 -4.24 -29.14 10.72
C LEU C 109 -5.20 -29.73 11.76
N GLY C 110 -5.14 -31.05 11.92
CA GLY C 110 -6.00 -31.71 12.89
C GLY C 110 -5.88 -33.21 12.78
N GLY C 111 -6.93 -33.86 12.27
CA GLY C 111 -6.91 -35.30 12.13
C GLY C 111 -6.57 -35.68 10.70
N GLU C 112 -6.52 -34.68 9.84
CA GLU C 112 -6.21 -34.89 8.43
C GLU C 112 -4.89 -34.18 8.13
N GLU C 113 -3.98 -34.87 7.43
CA GLU C 113 -2.68 -34.31 7.12
C GLU C 113 -2.58 -33.86 5.66
N VAL C 114 -2.12 -32.63 5.44
CA VAL C 114 -1.99 -32.07 4.10
C VAL C 114 -0.56 -31.69 3.75
N ASP C 115 -0.25 -31.75 2.45
CA ASP C 115 1.07 -31.42 1.95
C ASP C 115 1.38 -29.93 2.10
N GLY C 116 2.64 -29.63 2.36
CA GLY C 116 3.05 -28.24 2.50
C GLY C 116 3.71 -27.88 3.81
N VAL C 117 3.98 -26.59 3.98
CA VAL C 117 4.61 -26.08 5.20
C VAL C 117 3.80 -24.89 5.70
N VAL C 118 3.96 -24.57 6.97
CA VAL C 118 3.25 -23.45 7.59
C VAL C 118 3.99 -22.15 7.27
N THR C 119 3.44 -21.38 6.34
CA THR C 119 4.06 -20.12 5.93
C THR C 119 3.46 -18.93 6.68
N MET C 120 4.28 -18.33 7.54
CA MET C 120 3.84 -17.18 8.32
C MET C 120 4.28 -15.87 7.64
N TRP C 121 3.70 -15.63 6.47
CA TRP C 121 4.02 -14.44 5.70
C TRP C 121 3.56 -13.18 6.41
N GLY C 122 2.64 -13.34 7.35
CA GLY C 122 2.13 -12.20 8.09
C GLY C 122 3.23 -11.32 8.66
N ARG C 123 4.38 -11.92 8.99
CA ARG C 123 5.51 -11.16 9.53
C ARG C 123 6.11 -10.22 8.49
N TYR C 124 6.47 -10.79 7.35
CA TYR C 124 7.09 -10.03 6.26
C TYR C 124 6.23 -8.87 5.77
N LEU C 125 4.91 -9.07 5.74
CA LEU C 125 4.00 -8.04 5.30
C LEU C 125 4.01 -6.82 6.22
N THR C 126 3.86 -7.04 7.52
CA THR C 126 3.85 -5.93 8.47
C THR C 126 5.20 -5.28 8.67
N TRP C 127 6.29 -5.97 8.34
CA TRP C 127 7.63 -5.39 8.48
C TRP C 127 7.75 -4.18 7.56
N ALA C 128 7.03 -4.19 6.44
CA ALA C 128 7.07 -3.09 5.50
C ALA C 128 6.40 -1.85 6.08
N LEU C 129 5.72 -2.04 7.20
CA LEU C 129 5.02 -0.94 7.87
C LEU C 129 5.76 -0.50 9.12
N SER C 130 6.20 -1.46 9.92
CA SER C 130 6.90 -1.16 11.16
C SER C 130 8.32 -0.63 10.95
N THR C 131 9.12 -1.34 10.15
CA THR C 131 10.50 -0.93 9.90
C THR C 131 10.62 0.50 9.37
N PRO C 132 9.72 0.92 8.48
CA PRO C 132 9.84 2.30 7.97
C PRO C 132 9.70 3.33 9.10
N MET C 133 8.93 2.96 10.12
CA MET C 133 8.70 3.84 11.27
C MET C 133 9.93 3.91 12.18
N ILE C 134 10.61 2.77 12.36
CA ILE C 134 11.82 2.74 13.15
C ILE C 134 12.79 3.72 12.49
N LEU C 135 12.96 3.56 11.18
CA LEU C 135 13.85 4.41 10.38
C LEU C 135 13.45 5.88 10.44
N LEU C 136 12.15 6.16 10.40
CA LEU C 136 11.69 7.54 10.45
C LEU C 136 12.17 8.19 11.76
N ALA C 137 12.01 7.43 12.85
CA ALA C 137 12.41 7.88 14.19
C ALA C 137 13.92 8.16 14.24
N LEU C 138 14.71 7.17 13.81
CA LEU C 138 16.15 7.32 13.81
C LEU C 138 16.62 8.47 12.91
N GLY C 139 16.08 8.52 11.69
CA GLY C 139 16.45 9.58 10.77
C GLY C 139 16.17 10.97 11.33
N LEU C 140 15.07 11.10 12.05
CA LEU C 140 14.71 12.38 12.63
C LEU C 140 15.66 12.71 13.79
N LEU C 141 16.01 11.69 14.56
CA LEU C 141 16.92 11.85 15.69
C LEU C 141 18.26 12.41 15.20
N ALA C 142 18.80 11.80 14.16
CA ALA C 142 20.09 12.21 13.59
C ALA C 142 20.03 13.52 12.82
N GLY C 143 18.84 14.11 12.70
CA GLY C 143 18.73 15.35 11.96
C GLY C 143 19.00 15.10 10.47
N SER C 144 18.52 13.97 9.96
CA SER C 144 18.70 13.64 8.55
C SER C 144 17.93 14.59 7.65
N ASN C 145 18.36 14.70 6.39
CA ASN C 145 17.63 15.54 5.45
C ASN C 145 16.62 14.62 4.75
N ALA C 146 15.71 15.21 3.99
CA ALA C 146 14.68 14.43 3.27
C ALA C 146 15.23 13.36 2.33
N THR C 147 16.25 13.71 1.54
CA THR C 147 16.83 12.76 0.58
C THR C 147 17.21 11.45 1.25
N LYS C 148 17.91 11.53 2.37
CA LYS C 148 18.35 10.34 3.11
C LYS C 148 17.18 9.58 3.72
N LEU C 149 16.16 10.30 4.17
CA LEU C 149 14.98 9.65 4.73
C LEU C 149 14.28 8.92 3.59
N PHE C 150 14.08 9.59 2.48
CA PHE C 150 13.42 8.98 1.33
C PHE C 150 14.16 7.72 0.89
N THR C 151 15.48 7.82 0.80
CA THR C 151 16.31 6.68 0.39
C THR C 151 16.21 5.50 1.34
N ALA C 152 16.33 5.76 2.63
CA ALA C 152 16.26 4.68 3.62
C ALA C 152 14.89 3.98 3.62
N ILE C 153 13.83 4.77 3.65
CA ILE C 153 12.48 4.20 3.69
C ILE C 153 12.07 3.45 2.42
N THR C 154 12.40 3.97 1.24
CA THR C 154 12.04 3.28 0.00
C THR C 154 12.75 1.94 -0.14
N PHE C 155 14.06 1.91 0.13
CA PHE C 155 14.78 0.64 0.01
C PHE C 155 14.44 -0.35 1.11
N ASP C 156 14.07 0.16 2.27
CA ASP C 156 13.68 -0.68 3.40
C ASP C 156 12.35 -1.39 3.04
N ILE C 157 11.44 -0.64 2.44
CA ILE C 157 10.16 -1.23 2.04
C ILE C 157 10.38 -2.27 0.94
N ALA C 158 11.27 -1.95 0.00
CA ALA C 158 11.59 -2.87 -1.11
C ALA C 158 12.18 -4.15 -0.54
N MET C 159 13.00 -4.00 0.50
CA MET C 159 13.62 -5.14 1.18
C MET C 159 12.54 -6.07 1.74
N CYS C 160 11.56 -5.48 2.43
CA CYS C 160 10.48 -6.25 3.04
C CYS C 160 9.56 -6.92 2.04
N VAL C 161 9.14 -6.18 1.01
CA VAL C 161 8.25 -6.74 -0.01
C VAL C 161 8.91 -7.86 -0.81
N THR C 162 10.19 -7.75 -1.11
CA THR C 162 10.83 -8.82 -1.87
C THR C 162 11.03 -10.04 -0.97
N GLY C 163 11.19 -9.80 0.33
CA GLY C 163 11.34 -10.89 1.28
C GLY C 163 10.02 -11.63 1.31
N LEU C 164 8.93 -10.86 1.29
CA LEU C 164 7.60 -11.45 1.28
C LEU C 164 7.42 -12.26 0.00
N ALA C 165 7.85 -11.70 -1.13
CA ALA C 165 7.72 -12.39 -2.41
C ALA C 165 8.53 -13.69 -2.40
N ALA C 166 9.70 -13.64 -1.79
CA ALA C 166 10.55 -14.82 -1.67
C ALA C 166 9.76 -15.95 -1.00
N ALA C 167 9.14 -15.64 0.13
CA ALA C 167 8.36 -16.64 0.88
C ALA C 167 7.14 -17.18 0.14
N LEU C 168 6.52 -16.37 -0.69
CA LEU C 168 5.33 -16.83 -1.42
C LEU C 168 5.61 -17.55 -2.75
N THR C 169 6.86 -17.53 -3.19
CA THR C 169 7.25 -18.19 -4.44
C THR C 169 7.39 -19.69 -4.24
N THR C 170 6.48 -20.45 -4.84
CA THR C 170 6.45 -21.90 -4.72
C THR C 170 6.71 -22.62 -6.04
N SER C 171 6.97 -21.86 -7.11
CA SER C 171 7.20 -22.44 -8.42
C SER C 171 8.61 -22.96 -8.64
N SER C 172 9.59 -22.22 -8.15
CA SER C 172 10.99 -22.57 -8.35
C SER C 172 11.83 -22.25 -7.13
N HIS C 173 12.73 -23.17 -6.79
CA HIS C 173 13.61 -23.02 -5.64
C HIS C 173 14.61 -21.90 -5.85
N LEU C 174 15.16 -21.81 -7.06
CA LEU C 174 16.15 -20.77 -7.38
C LEU C 174 15.54 -19.37 -7.33
N MET C 175 14.27 -19.26 -7.74
CA MET C 175 13.60 -17.95 -7.73
C MET C 175 13.50 -17.46 -6.29
N ARG C 176 13.11 -18.35 -5.38
CA ARG C 176 13.00 -17.97 -3.97
C ARG C 176 14.32 -17.32 -3.50
N TRP C 177 15.44 -17.96 -3.82
CA TRP C 177 16.73 -17.43 -3.42
C TRP C 177 17.15 -16.17 -4.18
N PHE C 178 16.65 -16.01 -5.41
CA PHE C 178 16.96 -14.83 -6.19
C PHE C 178 16.32 -13.61 -5.53
N TRP C 179 15.09 -13.77 -5.06
CA TRP C 179 14.40 -12.68 -4.39
C TRP C 179 15.12 -12.35 -3.10
N TYR C 180 15.63 -13.39 -2.44
CA TYR C 180 16.34 -13.23 -1.19
C TYR C 180 17.53 -12.30 -1.44
N ALA C 181 18.24 -12.56 -2.54
CA ALA C 181 19.40 -11.76 -2.93
C ALA C 181 19.05 -10.29 -3.18
N ILE C 182 17.94 -10.07 -3.87
CA ILE C 182 17.50 -8.72 -4.16
C ILE C 182 17.19 -8.00 -2.85
N SER C 183 16.51 -8.70 -1.94
CA SER C 183 16.18 -8.13 -0.64
C SER C 183 17.44 -7.73 0.11
N CYS C 184 18.49 -8.54 0.01
CA CYS C 184 19.77 -8.26 0.67
C CYS C 184 20.44 -7.02 0.12
N ALA C 185 20.28 -6.78 -1.18
CA ALA C 185 20.88 -5.62 -1.82
C ALA C 185 20.23 -4.35 -1.30
N CYS C 186 18.91 -4.40 -1.06
CA CYS C 186 18.20 -3.23 -0.55
C CYS C 186 18.61 -2.96 0.89
N PHE C 187 18.84 -4.03 1.64
CA PHE C 187 19.24 -3.95 3.03
C PHE C 187 20.58 -3.21 3.19
N ILE C 188 21.56 -3.56 2.37
CA ILE C 188 22.87 -2.90 2.45
C ILE C 188 22.71 -1.39 2.32
N VAL C 189 21.70 -0.97 1.55
CA VAL C 189 21.43 0.45 1.35
C VAL C 189 21.00 1.06 2.68
N VAL C 190 20.17 0.34 3.42
CA VAL C 190 19.70 0.82 4.72
C VAL C 190 20.88 0.85 5.68
N LEU C 191 21.56 -0.29 5.79
CA LEU C 191 22.72 -0.40 6.67
C LEU C 191 23.70 0.74 6.41
N TYR C 192 23.94 1.03 5.14
CA TYR C 192 24.86 2.10 4.77
C TYR C 192 24.48 3.48 5.30
N ILE C 193 23.20 3.83 5.25
CA ILE C 193 22.79 5.15 5.75
C ILE C 193 22.85 5.19 7.28
N LEU C 194 22.53 4.06 7.92
CA LEU C 194 22.57 3.96 9.37
C LEU C 194 24.01 4.13 9.88
N LEU C 195 24.88 3.26 9.40
CA LEU C 195 26.29 3.25 9.77
C LEU C 195 27.15 4.41 9.28
N VAL C 196 26.93 4.86 8.05
CA VAL C 196 27.73 5.93 7.49
C VAL C 196 27.11 7.33 7.47
N GLU C 197 25.94 7.45 6.86
CA GLU C 197 25.27 8.75 6.72
C GLU C 197 24.70 9.41 7.98
N TRP C 198 23.74 8.76 8.62
CA TRP C 198 23.13 9.33 9.80
C TRP C 198 24.09 9.46 10.99
N ALA C 199 25.03 8.52 11.12
CA ALA C 199 26.01 8.57 12.19
C ALA C 199 26.73 9.92 12.15
N GLN C 200 26.88 10.47 10.95
CA GLN C 200 27.54 11.75 10.78
C GLN C 200 26.59 12.92 10.98
N ASP C 201 25.33 12.73 10.58
CA ASP C 201 24.30 13.76 10.74
C ASP C 201 23.99 13.97 12.22
N ALA C 202 24.03 12.89 12.98
CA ALA C 202 23.76 12.94 14.41
C ALA C 202 24.68 13.90 15.15
N LYS C 203 25.86 14.15 14.59
CA LYS C 203 26.82 15.06 15.21
C LYS C 203 26.29 16.48 15.17
N ALA C 204 25.86 16.92 13.98
CA ALA C 204 25.32 18.26 13.81
C ALA C 204 24.01 18.43 14.57
N ALA C 205 23.30 17.32 14.76
CA ALA C 205 22.02 17.35 15.47
C ALA C 205 22.25 17.35 16.99
N GLY C 206 23.38 16.78 17.41
CA GLY C 206 23.70 16.74 18.82
C GLY C 206 23.09 15.52 19.49
N THR C 207 22.99 14.43 18.76
CA THR C 207 22.40 13.21 19.28
C THR C 207 23.30 12.02 19.00
N ALA C 208 24.55 12.30 18.65
CA ALA C 208 25.52 11.26 18.34
C ALA C 208 25.55 10.19 19.42
N ASP C 209 25.47 10.65 20.67
CA ASP C 209 25.49 9.78 21.84
C ASP C 209 24.39 8.72 21.77
N ILE C 210 23.13 9.16 21.87
CA ILE C 210 21.99 8.27 21.82
C ILE C 210 21.87 7.55 20.48
N PHE C 211 22.25 8.24 19.41
CA PHE C 211 22.15 7.65 18.08
C PHE C 211 23.06 6.42 17.95
N SER C 212 24.32 6.57 18.33
CA SER C 212 25.26 5.47 18.24
C SER C 212 24.72 4.23 18.95
N THR C 213 24.03 4.45 20.07
CA THR C 213 23.45 3.38 20.85
C THR C 213 22.37 2.66 20.04
N LEU C 214 21.31 3.39 19.71
CA LEU C 214 20.20 2.84 18.93
C LEU C 214 20.70 2.25 17.62
N LYS C 215 21.65 2.95 16.99
CA LYS C 215 22.24 2.52 15.73
C LYS C 215 22.89 1.15 15.85
N LEU C 216 23.66 0.97 16.92
CA LEU C 216 24.36 -0.29 17.15
C LEU C 216 23.34 -1.40 17.38
N LEU C 217 22.28 -1.08 18.13
CA LEU C 217 21.22 -2.03 18.43
C LEU C 217 20.47 -2.43 17.17
N THR C 218 20.01 -1.43 16.44
CA THR C 218 19.27 -1.64 15.19
C THR C 218 20.01 -2.57 14.22
N VAL C 219 21.22 -2.18 13.84
CA VAL C 219 22.00 -2.98 12.89
C VAL C 219 22.21 -4.43 13.30
N VAL C 220 22.57 -4.67 14.55
CA VAL C 220 22.81 -6.02 15.03
C VAL C 220 21.54 -6.87 15.04
N MET C 221 20.43 -6.28 15.48
CA MET C 221 19.16 -6.99 15.53
C MET C 221 18.62 -7.32 14.14
N TRP C 222 18.59 -6.33 13.26
CA TRP C 222 18.10 -6.53 11.89
C TRP C 222 18.92 -7.59 11.16
N LEU C 223 20.24 -7.54 11.35
CA LEU C 223 21.13 -8.51 10.70
C LEU C 223 20.74 -9.95 10.98
N GLY C 224 19.97 -10.16 12.05
CA GLY C 224 19.57 -11.51 12.39
C GLY C 224 18.34 -12.07 11.69
N TYR C 225 17.48 -11.18 11.19
CA TYR C 225 16.26 -11.64 10.51
C TYR C 225 16.53 -12.48 9.27
N PRO C 226 17.44 -12.03 8.39
CA PRO C 226 17.72 -12.82 7.20
C PRO C 226 18.35 -14.17 7.54
N ILE C 227 19.20 -14.17 8.57
CA ILE C 227 19.87 -15.40 9.02
C ILE C 227 18.81 -16.41 9.46
N VAL C 228 17.87 -15.95 10.29
CA VAL C 228 16.79 -16.80 10.78
C VAL C 228 16.01 -17.35 9.60
N TRP C 229 15.66 -16.46 8.66
CA TRP C 229 14.92 -16.84 7.46
C TRP C 229 15.64 -17.98 6.74
N ALA C 230 16.93 -17.80 6.50
CA ALA C 230 17.74 -18.80 5.80
C ALA C 230 17.79 -20.15 6.51
N LEU C 231 17.69 -20.14 7.84
CA LEU C 231 17.73 -21.38 8.61
C LEU C 231 16.36 -22.02 8.80
N GLY C 232 15.32 -21.19 8.85
CA GLY C 232 13.97 -21.69 9.03
C GLY C 232 13.46 -22.54 7.89
N VAL C 233 12.23 -23.02 8.03
CA VAL C 233 11.58 -23.87 7.03
C VAL C 233 11.51 -23.27 5.62
N GLU C 234 11.63 -21.95 5.53
CA GLU C 234 11.57 -21.28 4.24
C GLU C 234 12.95 -21.20 3.60
N GLY C 235 13.97 -21.58 4.37
CA GLY C 235 15.32 -21.59 3.87
C GLY C 235 15.80 -23.03 3.81
N VAL C 236 16.91 -23.31 4.50
CA VAL C 236 17.48 -24.66 4.52
C VAL C 236 16.61 -25.59 5.37
N ALA C 237 15.74 -25.00 6.19
CA ALA C 237 14.82 -25.75 7.04
C ALA C 237 15.48 -26.54 8.18
N VAL C 238 16.58 -26.04 8.73
CA VAL C 238 17.25 -26.73 9.82
C VAL C 238 16.57 -26.40 11.14
N LEU C 239 15.90 -25.25 11.19
CA LEU C 239 15.20 -24.83 12.39
C LEU C 239 13.70 -25.07 12.26
N PRO C 240 13.05 -25.47 13.37
CA PRO C 240 11.61 -25.74 13.40
C PRO C 240 10.85 -24.43 13.39
N VAL C 241 9.63 -24.46 12.86
CA VAL C 241 8.79 -23.26 12.80
C VAL C 241 8.63 -22.63 14.17
N GLY C 242 8.66 -23.45 15.21
CA GLY C 242 8.52 -22.96 16.57
C GLY C 242 9.71 -22.12 17.00
N TYR C 243 10.91 -22.62 16.73
CA TYR C 243 12.12 -21.92 17.11
C TYR C 243 12.34 -20.68 16.25
N THR C 244 12.11 -20.80 14.95
CA THR C 244 12.26 -19.67 14.05
C THR C 244 11.32 -18.55 14.46
N SER C 245 10.09 -18.93 14.80
CA SER C 245 9.08 -17.96 15.23
C SER C 245 9.57 -17.27 16.50
N TRP C 246 10.16 -18.04 17.41
CA TRP C 246 10.66 -17.48 18.65
C TRP C 246 11.89 -16.61 18.40
N ALA C 247 12.69 -17.01 17.41
CA ALA C 247 13.87 -16.24 17.06
C ALA C 247 13.40 -14.84 16.67
N TYR C 248 12.47 -14.78 15.71
CA TYR C 248 11.91 -13.51 15.25
C TYR C 248 11.24 -12.78 16.41
N SER C 249 10.40 -13.51 17.14
CA SER C 249 9.68 -12.95 18.27
C SER C 249 10.67 -12.35 19.26
N ALA C 250 11.81 -13.01 19.44
CA ALA C 250 12.86 -12.54 20.33
C ALA C 250 13.50 -11.29 19.74
N LEU C 251 13.76 -11.33 18.44
CA LEU C 251 14.36 -10.19 17.74
C LEU C 251 13.48 -8.95 17.82
N ASP C 252 12.16 -9.14 17.69
CA ASP C 252 11.25 -8.00 17.76
C ASP C 252 11.29 -7.32 19.11
N ILE C 253 11.32 -8.13 20.17
CA ILE C 253 11.36 -7.60 21.53
C ILE C 253 12.50 -6.59 21.68
N VAL C 254 13.62 -6.87 21.02
CA VAL C 254 14.78 -6.01 21.08
C VAL C 254 14.73 -4.88 20.04
N ALA C 255 14.59 -5.27 18.77
CA ALA C 255 14.56 -4.30 17.68
C ALA C 255 13.38 -3.34 17.76
N LYS C 256 12.33 -3.74 18.47
CA LYS C 256 11.15 -2.89 18.61
C LYS C 256 10.93 -2.28 20.00
N TYR C 257 10.39 -3.08 20.91
CA TYR C 257 10.07 -2.62 22.26
C TYR C 257 11.21 -1.99 23.05
N ILE C 258 12.29 -2.73 23.32
CA ILE C 258 13.39 -2.15 24.08
C ILE C 258 14.00 -0.98 23.32
N PHE C 259 14.07 -1.11 22.00
CA PHE C 259 14.61 -0.05 21.15
C PHE C 259 13.78 1.22 21.32
N ALA C 260 12.46 1.05 21.28
CA ALA C 260 11.54 2.17 21.41
C ALA C 260 11.69 2.86 22.76
N PHE C 261 11.90 2.06 23.81
CA PHE C 261 12.06 2.60 25.16
C PHE C 261 13.30 3.47 25.30
N LEU C 262 14.42 2.97 24.79
CA LEU C 262 15.68 3.71 24.85
C LEU C 262 15.53 5.06 24.17
N LEU C 263 15.03 5.04 22.95
CA LEU C 263 14.82 6.27 22.18
C LEU C 263 13.87 7.22 22.91
N LEU C 264 12.73 6.69 23.32
CA LEU C 264 11.74 7.48 24.05
C LEU C 264 12.27 7.97 25.40
N ASN C 265 13.04 7.14 26.08
CA ASN C 265 13.60 7.54 27.37
C ASN C 265 14.49 8.76 27.15
N TYR C 266 15.34 8.69 26.13
CA TYR C 266 16.24 9.78 25.81
C TYR C 266 15.43 11.04 25.48
N LEU C 267 14.50 10.89 24.54
CA LEU C 267 13.65 11.98 24.07
C LEU C 267 12.99 12.77 25.21
N THR C 268 12.35 12.06 26.14
CA THR C 268 11.67 12.69 27.27
C THR C 268 12.65 13.49 28.13
N SER C 269 13.86 12.97 28.29
CA SER C 269 14.88 13.63 29.10
C SER C 269 15.66 14.71 28.33
N ASN C 270 15.67 14.61 26.99
CA ASN C 270 16.38 15.57 26.16
C ASN C 270 15.50 16.16 25.06
N GLU C 271 14.33 16.66 25.43
CA GLU C 271 13.41 17.23 24.46
C GLU C 271 13.97 18.46 23.76
N GLY C 272 14.73 19.27 24.48
CA GLY C 272 15.29 20.48 23.90
C GLY C 272 16.34 20.20 22.85
N VAL C 273 16.97 19.03 22.94
CA VAL C 273 18.02 18.63 21.99
C VAL C 273 17.44 18.46 20.58
N VAL C 274 16.30 17.80 20.49
CA VAL C 274 15.66 17.55 19.21
C VAL C 274 14.56 18.55 18.88
N SER C 275 14.54 19.68 19.58
CA SER C 275 13.52 20.71 19.35
C SER C 275 13.55 21.24 17.92
N GLY C 276 14.19 22.38 17.72
CA GLY C 276 14.26 22.95 16.38
C GLY C 276 12.88 23.34 15.87
N SER C 277 11.98 23.61 16.81
CA SER C 277 10.60 23.99 16.48
C SER C 277 10.21 25.25 17.24
C1 RET D . -3.77 1.16 -18.44
C2 RET D . -5.23 0.63 -18.69
C3 RET D . -6.34 1.54 -18.42
C4 RET D . -6.16 2.93 -19.00
C5 RET D . -4.76 3.54 -18.87
C6 RET D . -3.61 2.76 -18.60
C7 RET D . -2.26 3.51 -18.50
C8 RET D . -1.04 3.00 -18.20
C9 RET D . 0.27 3.63 -18.24
C10 RET D . 1.30 2.85 -17.79
C11 RET D . 2.70 3.20 -17.79
C12 RET D . 3.58 2.34 -17.29
C13 RET D . 5.04 2.51 -17.22
C14 RET D . 5.70 1.53 -16.56
C15 RET D . 7.10 1.45 -16.14
C16 RET D . -3.48 0.69 -17.00
C17 RET D . -2.93 0.34 -19.44
C18 RET D . -4.77 5.06 -19.05
C19 RET D . 0.46 5.05 -18.76
C20 RET D . 5.71 3.78 -17.77
C1 22B E . 23.60 7.46 -5.49
C2 22B E . 23.86 7.15 -3.94
C3 22B E . 23.10 5.81 -3.42
C4 22B E . 23.14 4.50 -3.79
C5 22B E . 22.04 3.53 -3.95
C6 22B E . 22.45 2.30 -4.33
C7 22B E . 21.63 1.12 -4.55
C8 22B E . 22.09 -0.10 -4.92
C9 22B E . 21.19 -1.26 -5.13
C10 22B E . 21.70 -2.27 -5.89
C11 22B E . 20.98 -3.51 -6.21
C12 22B E . 21.28 -4.19 -7.31
C13 22B E . 20.63 -5.43 -7.79
C14 22B E . 21.16 -5.84 -8.94
C15 22B E . 20.89 -6.97 -9.83
C16 22B E . 22.09 7.68 -5.92
C17 22B E . 24.36 8.76 -5.95
C18 22B E . 20.54 3.88 -3.68
C19 22B E . 19.76 -1.31 -4.48
C20 22B E . 19.47 -6.17 -7.04
C21 22B E . 23.31 8.32 -3.00
C22 22B E . 23.60 8.06 -1.44
C23 22B E . 22.64 8.55 -0.26
C24 22B E . 22.25 7.34 0.61
C25 22B E . 21.35 9.33 -0.64
O26 22B E . 24.12 6.41 -6.31
O27 22B E . 23.50 9.51 0.59
C38 22B E . 19.53 -13.63 -16.30
C39 22B E . 20.53 -12.53 -16.16
C40 22B E . 20.39 -11.75 -15.05
C41 22B E . 21.20 -10.61 -14.64
C42 22B E . 20.94 -9.96 -13.50
C43 22B E . 21.67 -8.78 -12.98
C44 22B E . 21.16 -8.33 -11.80
C45 22B E . 21.55 -7.20 -10.95
C50 22B E . 22.87 -8.13 -13.72
C26 22B E . 21.67 -12.30 -17.21
C27 22B E . 19.51 -14.49 -17.32
C28 22B E . 18.53 -15.57 -17.49
C29 22B E . 18.49 -16.47 -18.53
C30 22B E . 19.51 -16.49 -19.72
C31 22B E . 17.38 -17.45 -18.44
C32 22B E . 17.11 -18.44 -19.32
C33 22B E . 15.90 -19.48 -19.22
C34 22B E . 16.52 -20.91 -18.72
C35 22B E . 18.02 -21.19 -19.14
C36 22B E . 18.63 -22.57 -18.65
C37 22B E . 20.09 -22.73 -19.14
C46 22B E . 18.64 -22.68 -17.09
O1 22B E . 17.87 -23.62 -19.16
C47 22B E . 15.01 -19.65 -20.63
C48 22B E . 14.39 -18.28 -21.11
C49 22B E . 15.89 -20.18 -21.85
O2 22B E . 13.93 -20.61 -20.44
C1 L1P F . -1.11 -18.95 -1.98
O1 L1P F . -0.93 -18.51 -3.34
C2 L1P F . -2.52 -19.27 -1.40
O2 L1P F . -2.75 -18.40 -0.29
C3 L1P F . -2.69 -20.77 -0.91
O3 L1P F . -4.09 -20.91 -0.42
C11 L1P F . -0.94 -16.98 -3.44
C12 L1P F . -1.37 -16.39 -4.87
C13 L1P F . -1.41 -14.80 -5.08
C14 L1P F . -2.21 -14.46 -6.43
C15 L1P F . 0.15 -14.26 -5.12
C16 L1P F . 0.37 -12.98 -4.16
C17 L1P F . 1.62 -12.09 -4.47
C18 L1P F . 1.88 -10.59 -3.84
C19 L1P F . 0.73 -9.51 -4.13
C20 L1P F . 3.28 -10.11 -4.45
C21 L1P F . 4.01 -8.73 -4.19
C22 L1P F . 5.43 -8.81 -4.91
C23 L1P F . 5.73 -7.65 -5.95
C24 L1P F . 5.62 -8.21 -7.37
C25 L1P F . 7.24 -7.02 -5.71
C26 L1P F . 7.42 -5.40 -5.71
C27 L1P F . 8.74 -4.81 -4.97
C28 L1P F . 8.71 -3.22 -4.92
C29 L1P F . 8.37 -2.77 -3.53
C30 L1P F . 10.01 -2.62 -5.24
C41 L1P F . -3.63 -17.25 -0.62
C42 L1P F . -3.30 -16.07 0.37
C43 L1P F . -1.93 -15.41 0.07
C44 L1P F . -0.78 -16.07 0.82
C45 L1P F . -2.02 -13.87 0.46
C46 L1P F . -0.79 -12.99 0.01
C47 L1P F . -1.18 -11.60 0.53
C48 L1P F . -0.22 -10.46 0.30
C49 L1P F . 0.75 -10.46 1.53
C50 L1P F . -1.05 -9.14 0.22
C51 L1P F . -0.23 -7.81 0.45
C52 L1P F . 0.33 -7.16 -0.87
C53 L1P F . 1.08 -5.78 -0.74
C54 L1P F . 0.05 -4.72 -0.09
C55 L1P F . 1.58 -5.27 -2.25
C56 L1P F . 2.42 -3.89 -2.50
C57 L1P F . 2.77 -3.00 -1.27
C58 L1P F . 3.56 -1.70 -1.57
C59 L1P F . 3.26 -0.58 -0.45
C60 L1P F . 5.04 -1.92 -1.55
C11 L2P G . 3.39 16.72 -2.01
C12 L2P G . 4.37 15.54 -1.50
C13 L2P G . 4.16 14.02 -1.95
C14 L2P G . 4.41 13.89 -3.54
C15 L2P G . 2.60 13.59 -1.51
C16 L2P G . 2.27 12.07 -1.89
C17 L2P G . 0.85 11.47 -1.59
C18 L2P G . 0.47 9.91 -1.93
C19 L2P G . 0.68 9.51 -3.45
C20 L2P G . -1.05 9.70 -1.50
C21 L2P G . -1.84 8.32 -1.65
C22 L2P G . -2.78 8.24 -2.94
C23 L2P G . -3.59 6.87 -3.05
C24 L2P G . -2.62 5.67 -3.09
C25 L2P G . -4.53 6.84 -4.41
C26 L2P G . -5.80 5.84 -4.41
C27 L2P G . -6.70 5.82 -5.76
C28 L2P G . -7.93 4.79 -5.62
C29 L2P G . -8.99 5.15 -6.60
C30 L2P G . -7.55 3.40 -5.92
C11 L2P H . 10.70 23.14 -4.03
C12 L2P H . 11.12 21.65 -3.53
C13 L2P H . 9.98 20.61 -3.12
C14 L2P H . 9.50 20.89 -1.60
C15 L2P H . 10.60 19.07 -3.33
C16 L2P H . 9.50 18.00 -2.92
C17 L2P H . 9.72 16.45 -2.99
C18 L2P H . 8.45 15.50 -2.53
C19 L2P H . 8.00 15.79 -1.02
C20 L2P H . 8.81 13.96 -2.66
C21 L2P H . 7.70 12.88 -2.28
C22 L2P H . 7.98 11.41 -2.83
C23 L2P H . 6.82 10.37 -2.46
C24 L2P H . 6.64 10.29 -0.94
C25 L2P H . 7.16 8.86 -3.04
C26 L2P H . 5.96 7.76 -3.14
C27 L2P H . 6.41 6.29 -3.72
C28 L2P H . 5.20 5.22 -3.80
C29 L2P H . 4.67 4.91 -2.44
C30 L2P H . 4.05 5.72 -4.59
C11 L3P I . 3.64 24.54 -23.83
C12 L3P I . 2.28 23.69 -23.97
C13 L3P I . 1.63 23.48 -25.42
C14 L3P I . 1.31 24.91 -26.09
C15 L3P I . 0.24 22.55 -25.28
C16 L3P I . 0.54 21.12 -24.62
C17 L3P I . -0.25 19.83 -25.11
C18 L3P I . -1.41 19.86 -26.28
C19 L3P I . -2.91 20.18 -25.78
C20 L3P I . -1.40 18.45 -27.03
C21 L3P I . -1.84 17.10 -26.31
C22 L3P I . -1.81 15.87 -27.34
C23 L3P I . -2.24 14.47 -26.69
C24 L3P I . -1.30 14.12 -25.52
C25 L3P I . -2.22 13.24 -27.80
C26 L3P I . -3.48 12.60 -28.59
C27 L3P I . -3.17 11.39 -29.64
C28 L3P I . -3.38 9.97 -28.93
C29 L3P I . -4.71 9.39 -29.32
C30 L3P I . -2.38 8.98 -29.35
C11 L3P J . -6.36 26.89 -14.91
C12 L3P J . -6.31 25.28 -15.14
C13 L3P J . -6.99 24.32 -14.04
C14 L3P J . -6.31 24.57 -12.59
C15 L3P J . -6.80 22.72 -14.52
C16 L3P J . -7.48 22.45 -15.95
C17 L3P J . -7.95 21.01 -16.35
C18 L3P J . -7.79 19.70 -15.35
C19 L3P J . -6.55 18.74 -15.65
C20 L3P J . -9.14 18.86 -15.42
C21 L3P J . -9.64 18.12 -16.74
C22 L3P J . -10.52 16.85 -16.37
C23 L3P J . -11.08 16.05 -17.63
C24 L3P J . -11.92 16.98 -18.52
C25 L3P J . -11.98 14.73 -17.17
C26 L3P J . -12.44 13.50 -18.11
C27 L3P J . -13.34 12.34 -17.40
C28 L3P J . -14.50 11.84 -18.38
C29 L3P J . -14.24 10.43 -18.82
C30 L3P J . -15.82 11.83 -17.73
C11 L3P K . -26.33 -8.89 -19.41
C12 L3P K . -25.83 -7.53 -18.67
C13 L3P K . -25.86 -7.46 -17.07
C14 L3P K . -27.35 -7.72 -16.53
C15 L3P K . -25.30 -5.95 -16.59
C16 L3P K . -23.80 -5.69 -17.10
C17 L3P K . -23.09 -4.30 -16.85
C18 L3P K . -23.81 -3.03 -16.06
C19 L3P K . -24.96 -2.27 -16.88
C20 L3P K . -22.65 -2.00 -15.65
C21 L3P K . -22.91 -0.44 -15.42
C22 L3P K . -21.87 0.44 -16.26
C23 L3P K . -22.07 2.02 -16.10
C24 L3P K . -23.50 2.42 -16.53
C25 L3P K . -20.97 2.89 -16.97
C26 L3P K . -20.51 2.66 -18.52
C27 L3P K . -19.38 3.70 -19.12
C28 L3P K . -18.66 3.16 -20.45
C29 L3P K . -17.86 1.93 -20.18
C30 L3P K . -19.62 2.79 -21.52
C11 L3P L . 14.96 -27.98 -16.36
C12 L3P L . 14.83 -26.68 -15.41
C13 L3P L . 14.28 -26.86 -13.91
C14 L3P L . 12.82 -27.53 -13.93
C15 L3P L . 14.26 -25.37 -13.16
C16 L3P L . 15.72 -24.69 -13.12
C17 L3P L . 15.94 -23.24 -13.68
C18 L3P L . 14.71 -22.35 -14.34
C19 L3P L . 14.47 -22.57 -15.91
C20 L3P L . 15.02 -20.81 -14.06
C21 L3P L . 16.20 -20.03 -14.78
C22 L3P L . 17.02 -19.14 -13.73
C23 L3P L . 18.22 -18.32 -14.36
C24 L3P L . 19.22 -19.29 -15.04
C25 L3P L . 19.01 -17.42 -13.21
C26 L3P L . 19.03 -15.81 -13.06
C27 L3P L . 19.88 -15.19 -11.83
C28 L3P L . 21.27 -14.55 -12.37
C29 L3P L . 21.60 -13.33 -11.57
C30 L3P L . 22.40 -15.47 -12.19
C11 L3P M . 6.94 18.72 5.28
C12 L3P M . 6.28 17.39 4.63
C13 L3P M . 7.04 16.65 3.41
C14 L3P M . 7.28 17.66 2.18
C15 L3P M . 6.14 15.32 2.93
C16 L3P M . 5.92 14.31 4.17
C17 L3P M . 5.34 12.86 3.93
C18 L3P M . 4.91 12.29 2.45
C19 L3P M . 3.43 12.63 1.97
C20 L3P M . 5.13 10.70 2.47
C21 L3P M . 4.00 9.64 2.82
C22 L3P M . 3.53 8.87 1.50
C23 L3P M . 2.40 7.77 1.71
C24 L3P M . 2.87 6.71 2.73
C25 L3P M . 1.98 7.06 0.26
C26 L3P M . 1.26 5.63 0.01
C27 L3P M . 0.97 5.21 -1.54
C28 L3P M . 0.94 3.61 -1.71
C29 L3P M . -0.42 3.09 -1.38
C30 L3P M . 1.19 3.21 -3.12
C11 L3P N . -4.83 14.77 -22.99
C12 L3P N . -5.43 13.29 -23.17
C13 L3P N . -5.37 12.59 -24.63
C14 L3P N . -6.13 13.51 -25.71
C15 L3P N . -6.06 11.06 -24.53
C16 L3P N . -5.29 10.15 -23.45
C17 L3P N . -5.62 8.61 -23.34
C18 L3P N . -6.74 7.87 -24.29
C19 L3P N . -8.26 7.99 -23.79
C20 L3P N . -6.35 6.32 -24.39
C21 L3P N . -6.43 5.51 -25.75
C22 L3P N . -7.87 4.81 -25.89
C23 L3P N . -8.06 3.96 -27.22
C24 L3P N . -7.86 4.84 -28.47
C25 L3P N . -9.58 3.26 -27.27
C26 L3P N . -10.11 2.00 -26.41
C27 L3P N . -11.65 1.55 -26.67
C28 L3P N . -11.73 -0.01 -27.08
C29 L3P N . -13.06 -0.56 -26.71
C30 L3P N . -11.61 -0.20 -28.54
C11 L3P O . 12.48 -18.30 -30.73
C12 L3P O . 12.33 -16.70 -30.50
C13 L3P O . 11.01 -16.14 -29.78
C14 L3P O . 9.71 -16.61 -30.60
C15 L3P O . 11.10 -14.48 -29.67
C16 L3P O . 12.39 -13.98 -28.85
C17 L3P O . 12.85 -12.48 -28.96
C18 L3P O . 12.06 -11.38 -29.93
C19 L3P O . 12.42 -11.44 -31.49
C20 L3P O . 12.38 -9.92 -29.39
C21 L3P O . 11.32 -8.76 -29.42
C22 L3P O . 12.06 -7.34 -29.50
C23 L3P O . 11.10 -6.08 -29.53
C24 L3P O . 10.12 -6.17 -30.73
C25 L3P O . 11.97 -4.68 -29.60
C26 L3P O . 12.77 -3.94 -28.39
C27 L3P O . 13.55 -2.57 -28.78
C28 L3P O . 13.07 -1.35 -27.86
C29 L3P O . 14.23 -0.47 -27.56
C30 L3P O . 12.09 -0.49 -28.53
CL CL P . 7.13 -1.76 -12.87
CL CL Q . -0.11 24.84 -7.87
C1 22B R . -8.31 21.92 -9.51
C2 22B R . -7.12 21.45 -10.49
C3 22B R . -7.15 19.85 -10.80
C4 22B R . -8.04 19.01 -11.37
C5 22B R . -8.16 17.55 -11.22
C6 22B R . -9.15 17.00 -11.96
C7 22B R . -9.54 15.62 -12.06
C8 22B R . -10.54 15.13 -12.84
C9 22B R . -10.89 13.69 -12.87
C10 22B R . -12.13 13.39 -13.36
C11 22B R . -12.68 12.03 -13.45
C12 22B R . -13.99 11.84 -13.52
C13 22B R . -14.65 10.50 -13.57
C14 22B R . -15.98 10.59 -13.64
C15 22B R . -17.05 9.58 -13.66
C16 22B R . -8.36 21.27 -8.06
C17 22B R . -8.21 23.47 -9.27
C18 22B R . -7.22 16.72 -10.31
C19 22B R . -9.88 12.59 -12.36
C20 22B R . -13.86 9.15 -13.52
C21 22B R . -5.69 21.69 -9.84
C22 22B R . -4.52 21.29 -10.86
C23 22B R . -2.97 21.36 -10.53
C24 22B R . -2.30 19.99 -10.82
C25 22B R . -2.56 21.83 -9.11
O26 22B R . -9.57 21.70 -10.12
O27 22B R . -2.41 22.40 -11.52
C38 22B R . -25.01 4.20 -13.42
C39 22B R . -24.65 5.64 -13.65
C40 22B R . -23.33 5.98 -13.49
C41 22B R . -22.71 7.30 -13.63
C42 22B R . -21.37 7.49 -13.63
C43 22B R . -20.70 8.82 -13.74
C44 22B R . -19.34 8.76 -13.69
C45 22B R . -18.34 9.85 -13.74
C50 22B R . -21.50 10.15 -13.88
C26 22B R . -25.73 6.71 -14.03
C27 22B R . -26.26 3.70 -13.54
C28 22B R . -26.63 2.30 -13.32
C29 22B R . -27.91 1.76 -13.44
C30 22B R . -29.17 2.60 -13.84
C31 22B R . -28.00 0.30 -13.16
C32 22B R . -29.12 -0.47 -13.21
C33 22B R . -29.23 -2.04 -12.90
C34 22B R . -29.34 -2.88 -14.29
C35 22B R . -29.79 -2.06 -15.57
C36 22B R . -29.88 -2.90 -16.92
C37 22B R . -30.33 -2.00 -18.10
C46 22B R . -28.51 -3.53 -17.31
O1 22B R . -30.80 -3.93 -16.76
C47 22B R . -30.52 -2.45 -11.89
C48 22B R . -30.44 -1.69 -10.50
C49 22B R . -31.93 -2.08 -12.52
O2 22B R . -30.54 -3.87 -11.63
C11 L3P S . -16.79 -5.67 23.36
C12 L3P S . -15.55 -4.67 23.19
C13 L3P S . -15.82 -3.15 22.73
C14 L3P S . -16.59 -3.14 21.32
C15 L3P S . -14.37 -2.32 22.64
C16 L3P S . -13.60 -2.32 24.05
C17 L3P S . -12.48 -1.23 24.35
C18 L3P S . -12.04 -0.07 23.25
C19 L3P S . -10.47 0.22 23.13
C20 L3P S . -12.80 1.28 23.63
C21 L3P S . -12.48 2.11 24.95
C22 L3P S . -12.03 3.59 24.59
C23 L3P S . -11.67 4.52 25.84
C24 L3P S . -12.89 4.63 26.77
C25 L3P S . -11.21 6.03 25.35
C26 L3P S . -10.40 7.14 26.21
C27 L3P S . -10.08 8.55 25.45
C28 L3P S . -9.51 9.63 26.48
C29 L3P S . -8.03 9.73 26.37
C30 L3P S . -10.03 10.99 26.21
C1 RET T . -14.75 0.03 11.66
C2 RET T . -14.69 -1.29 12.53
C3 RET T . -13.95 -1.29 13.79
C4 RET T . -14.09 -0.04 14.63
C5 RET T . -14.12 1.28 13.85
C6 RET T . -14.44 1.39 12.49
C7 RET T . -14.44 2.82 11.89
C8 RET T . -14.63 3.25 10.61
C9 RET T . -14.76 4.62 10.10
C10 RET T . -14.93 4.72 8.76
C11 RET T . -15.15 5.91 7.95
C12 RET T . -15.32 5.82 6.63
C13 RET T . -15.57 6.94 5.69
C14 RET T . -15.58 6.60 4.36
C15 RET T . -15.57 7.44 3.18
C16 RET T . -13.72 -0.24 10.55
C17 RET T . -16.16 0.02 11.04
C18 RET T . -13.77 2.46 14.76
C19 RET T . -14.75 5.82 11.04
C20 RET T . -15.66 8.38 6.18
CL CL U . -13.97 4.80 0.05
C1 L1P V . -9.53 -16.76 -9.43
O1 L1P V . -10.64 -17.25 -8.65
C2 L1P V . -8.10 -17.37 -9.31
O2 L1P V . -7.16 -16.32 -9.52
C3 L1P V . -7.82 -18.53 -10.36
O3 L1P V . -6.54 -19.19 -9.93
C11 L1P V . -10.84 -16.40 -7.39
C12 L1P V . -12.18 -15.50 -7.36
C13 L1P V . -12.48 -14.59 -6.07
C14 L1P V . -14.01 -14.75 -5.60
C15 L1P V . -12.11 -13.02 -6.48
C16 L1P V . -11.07 -12.39 -5.44
C17 L1P V . -10.59 -10.93 -5.70
C18 L1P V . -9.12 -10.34 -5.23
C19 L1P V . -8.80 -10.45 -3.67
C20 L1P V . -9.09 -8.83 -5.71
C21 L1P V . -7.90 -7.81 -5.52
C22 L1P V . -8.37 -6.41 -6.13
C23 L1P V . -7.78 -5.14 -5.39
C24 L1P V . -8.69 -4.78 -4.21
C25 L1P V . -7.64 -3.85 -6.45
C26 L1P V . -8.99 -3.12 -6.97
C27 L1P V . -9.08 -1.50 -6.79
C28 L1P V . -9.89 -1.13 -5.45
C29 L1P V . -9.12 -0.12 -4.67
C30 L1P V . -11.20 -0.53 -5.73
C41 L1P V . -6.42 -15.97 -8.29
C42 L1P V . -5.82 -14.55 -8.50
C43 L1P V . -6.87 -13.42 -8.25
C44 L1P V . -7.04 -12.50 -9.44
C45 L1P V . -6.46 -12.59 -6.96
C46 L1P V . -5.06 -11.85 -7.01
C47 L1P V . -5.01 -11.19 -5.63
C48 L1P V . -3.82 -10.36 -5.26
C49 L1P V . -3.00 -11.22 -4.23
C50 L1P V . -4.31 -9.05 -4.59
C51 L1P V . -3.70 -7.73 -5.13
C52 L1P V . -4.30 -6.50 -4.34
C53 L1P V . -3.57 -5.10 -4.36
C54 L1P V . -2.09 -5.28 -3.79
C55 L1P V . -4.49 -4.09 -3.41
C56 L1P V . -4.17 -2.51 -3.10
C57 L1P V . -2.94 -1.83 -3.73
C58 L1P V . -2.74 -0.32 -3.36
C59 L1P V . -1.39 0.27 -3.97
C60 L1P V . -3.85 0.54 -3.89
CL CL W . 2.33 18.73 17.72
C1 L1P X . -11.38 -16.02 1.62
O1 L1P X . -10.52 -17.15 1.87
C2 L1P X . -11.87 -15.66 0.17
O2 L1P X . -12.03 -14.24 0.12
C3 L1P X . -13.27 -16.35 -0.20
O3 L1P X . -13.40 -16.23 -1.68
C11 L1P X . -9.04 -16.78 1.74
C12 L1P X . -8.03 -17.60 2.68
C13 L1P X . -6.47 -17.27 2.61
C14 L1P X . -5.59 -18.58 2.92
C15 L1P X . -6.15 -16.06 3.71
C16 L1P X . -5.88 -14.66 2.98
C17 L1P X . -5.74 -13.41 3.89
C18 L1P X . -5.83 -11.85 3.37
C19 L1P X . -4.80 -11.44 2.22
C20 L1P X . -5.63 -10.96 4.67
C21 L1P X . -5.64 -9.38 4.74
C22 L1P X . -4.77 -8.95 6.01
C23 L1P X . -4.65 -7.39 6.24
C24 L1P X . -3.30 -6.90 5.65
C25 L1P X . -4.76 -7.01 7.85
C26 L1P X . -3.48 -7.30 8.83
C27 L1P X . -3.02 -6.09 9.80
C28 L1P X . -1.50 -5.65 9.49
C29 L1P X . -1.46 -4.73 8.31
C30 L1P X . -0.89 -4.92 10.60
C41 L1P X . -11.15 -13.61 -0.89
C42 L1P X . -10.64 -12.27 -0.28
C43 L1P X . -9.43 -12.48 0.67
C44 L1P X . -9.79 -12.31 2.13
C45 L1P X . -8.24 -11.50 0.26
C46 L1P X . -8.55 -9.95 0.38
C47 L1P X . -7.23 -9.34 -0.09
C48 L1P X . -7.09 -7.85 -0.12
C49 L1P X . -7.17 -7.42 -1.63
C50 L1P X . -5.73 -7.46 0.48
C51 L1P X . -5.80 -6.19 1.38
C52 L1P X . -4.42 -5.84 2.06
C53 L1P X . -4.04 -4.31 2.19
C54 L1P X . -3.98 -3.71 0.69
C55 L1P X . -2.57 -4.17 2.96
C56 L1P X . -1.87 -2.73 3.28
C57 L1P X . -2.64 -1.44 2.88
C58 L1P X . -1.94 -0.08 3.19
C59 L1P X . -2.46 1.07 2.20
C60 L1P X . -2.26 0.38 4.57
C11 L2P Y . 2.99 23.56 0.12
C12 L2P Y . 3.97 22.39 0.65
C13 L2P Y . 3.40 21.29 1.68
C14 L2P Y . 4.59 20.81 2.65
C15 L2P Y . 2.76 20.04 0.76
C16 L2P Y . 2.16 18.91 1.72
C17 L2P Y . 1.47 17.61 1.18
C18 L2P Y . 0.88 16.55 2.29
C19 L2P Y . 2.00 16.01 3.28
C20 L2P Y . 0.21 15.31 1.56
C21 L2P Y . -0.48 14.16 2.41
C22 L2P Y . -0.26 12.69 1.84
C23 L2P Y . -0.96 11.57 2.71
C24 L2P Y . -0.41 11.58 4.15
C25 L2P Y . -0.73 10.06 2.09
C26 L2P Y . -1.79 8.91 2.49
C27 L2P Y . -1.52 7.44 1.86
C28 L2P Y . -2.64 6.39 2.32
C29 L2P Y . -3.79 6.47 1.37
C30 L2P Y . -2.16 5.00 2.26
C11 L2P Z . 3.02 16.61 6.70
C12 L2P Z . 3.19 15.08 7.21
C13 L2P Z . 2.48 13.88 6.43
C14 L2P Z . 0.88 14.06 6.53
C15 L2P Z . 3.02 12.46 7.12
C16 L2P Z . 2.39 11.17 6.43
C17 L2P Z . 2.77 9.73 6.93
C18 L2P Z . 2.14 8.37 6.24
C19 L2P Z . 0.55 8.31 6.23
C20 L2P Z . 2.73 7.11 7.02
C21 L2P Z . 2.35 5.60 6.66
C22 L2P Z . 1.51 4.93 7.84
C23 L2P Z . 1.09 3.41 7.60
C24 L2P Z . 0.24 3.27 6.32
C25 L2P Z . 0.21 2.85 8.89
C26 L2P Z . 0.04 1.27 9.12
C27 L2P Z . -0.83 0.83 10.43
C28 L2P Z . -0.93 -0.76 10.55
C29 L2P Z . -1.02 -1.15 11.99
C30 L2P Z . -2.15 -1.30 9.92
C1 22B AA . 2.22 12.00 22.35
C2 22B AA . 0.86 12.77 21.93
C3 22B AA . -0.16 11.84 21.07
C4 22B AA . -0.79 10.66 21.31
C5 22B AA . -0.58 9.36 20.67
C6 22B AA . -1.38 8.38 21.16
C7 22B AA . -1.43 7.00 20.74
C8 22B AA . -2.23 6.05 21.26
C9 22B AA . -2.21 4.66 20.76
C10 22B AA . -3.42 4.02 20.73
C11 22B AA . -3.67 2.64 20.29
C12 22B AA . -3.58 1.67 21.18
C13 22B AA . -3.78 0.22 20.97
C14 22B AA . -3.60 -0.46 22.12
C15 22B AA . -3.65 -1.87 22.50
C16 22B AA . 3.11 11.45 21.15
C17 22B AA . 3.17 12.93 23.19
C18 22B AA . 0.44 9.12 19.52
C19 22B AA . -0.86 3.98 20.31
C20 22B AA . -4.16 -0.43 19.61
C21 22B AA . 1.17 14.03 20.98
C22 22B AA . -0.15 14.83 20.56
C23 22B AA . -0.42 15.32 19.07
C24 22B AA . -1.79 14.78 18.57
C25 22B AA . 0.65 15.01 17.99
O26 22B AA . 1.93 10.90 23.20
O27 22B AA . -0.54 16.87 19.15
C38 22B AA . -3.58 -10.67 25.80
C39 22B AA . -3.34 -9.33 26.47
C40 22B AA . -3.45 -8.25 25.65
C41 22B AA . -3.29 -6.83 25.98
C42 22B AA . -3.42 -5.90 25.02
C43 22B AA . -3.28 -4.43 25.20
C44 22B AA . -3.48 -3.74 24.04
C45 22B AA . -3.43 -2.30 23.74
C50 22B AA . -2.92 -3.76 26.56
C26 22B AA . -2.98 -9.21 27.98
C27 22B AA . -3.51 -11.84 26.45
C28 22B AA . -3.74 -13.15 25.83
C29 22B AA . -3.68 -14.37 26.46
C30 22B AA . -3.35 -14.56 27.98
C31 22B AA . -3.96 -15.53 25.58
C32 22B AA . -3.96 -16.85 25.93
C33 22B AA . -4.25 -18.08 24.97
C34 22B AA . -5.83 -18.32 24.97
C35 22B AA . -6.44 -18.15 23.54
C36 22B AA . -8.01 -18.37 23.43
C37 22B AA . -8.50 -18.16 21.98
C46 22B AA . -8.42 -19.81 23.85
O1 22B AA . -8.67 -17.47 24.26
C47 22B AA . -3.42 -19.48 25.39
C48 22B AA . -1.86 -19.27 25.38
C49 22B AA . -3.82 -19.99 26.85
O2 22B AA . -3.73 -20.55 24.47
C11 L3P BA . 19.74 -27.36 -5.29
C12 L3P BA . 20.03 -25.77 -5.33
C13 L3P BA . 18.98 -24.80 -6.08
C14 L3P BA . 18.80 -25.26 -7.62
C15 L3P BA . 19.53 -23.23 -5.98
C16 L3P BA . 19.70 -22.76 -4.44
C17 L3P BA . 20.68 -21.59 -4.08
C18 L3P BA . 21.59 -20.79 -5.22
C19 L3P BA . 23.11 -21.26 -5.34
C20 L3P BA . 21.54 -19.24 -4.88
C21 L3P BA . 20.98 -18.18 -5.92
C22 L3P BA . 21.80 -16.82 -5.85
C23 L3P BA . 21.31 -15.69 -6.86
C24 L3P BA . 21.40 -16.22 -8.31
C25 L3P BA . 22.20 -14.30 -6.72
C26 L3P BA . 21.92 -12.88 -7.47
C27 L3P BA . 22.96 -11.67 -7.16
C28 L3P BA . 22.44 -10.30 -7.82
C29 L3P BA . 21.73 -9.47 -6.81
C30 L3P BA . 23.55 -9.46 -8.31
C1 RET CA . 14.31 -11.20 4.91
C2 RET CA . 14.59 -12.26 3.77
C3 RET CA . 15.48 -11.91 2.66
C4 RET CA . 16.70 -11.09 3.02
C5 RET CA . 16.52 -10.06 4.12
C6 RET CA . 15.43 -10.05 5.03
C7 RET CA . 15.44 -8.90 6.07
C8 RET CA . 14.57 -8.56 7.06
C9 RET CA . 14.72 -7.50 8.07
C10 RET CA . 13.66 -7.38 8.94
C11 RET CA . 13.50 -6.49 10.09
C12 RET CA . 12.39 -6.55 10.82
C13 RET CA . 12.05 -5.74 12.01
C14 RET CA . 10.80 -5.96 12.52
C15 RET CA . 10.07 -5.27 13.59
C16 RET CA . 12.90 -10.69 4.54
C17 RET CA . 14.16 -12.06 6.18
C18 RET CA . 17.66 -9.05 4.08
C19 RET CA . 15.97 -6.66 8.18
C20 RET CA . 12.99 -4.71 12.58
CL CL DA . 5.90 -6.07 12.46
CL CL EA . 21.78 13.94 0.67
C11 L2P FA . 11.32 19.69 8.81
C12 L2P FA . 9.72 19.73 9.05
C13 L2P FA . 8.93 18.41 9.52
C14 L2P FA . 9.54 17.87 10.91
C15 L2P FA . 9.02 17.29 8.26
C16 L2P FA . 8.25 15.95 8.64
C17 L2P FA . 8.17 14.71 7.67
C18 L2P FA . 7.35 13.38 8.16
C19 L2P FA . 7.93 12.73 9.51
C20 L2P FA . 7.39 12.26 7.02
C21 L2P FA . 6.69 10.86 7.23
C22 L2P FA . 7.08 9.76 6.15
C23 L2P FA . 6.36 8.35 6.42
C24 L2P FA . 6.74 7.80 7.80
C25 L2P FA . 6.75 7.20 5.28
C26 L2P FA . 5.75 5.94 5.19
C27 L2P FA . 6.06 4.78 4.10
C28 L2P FA . 4.93 3.64 4.18
C29 L2P FA . 4.64 3.10 2.82
C30 L2P FA . 5.35 2.49 5.01
C11 L2P GA . 13.88 14.59 7.98
C12 L2P GA . 12.54 15.20 7.33
C13 L2P GA . 12.08 14.74 5.86
C14 L2P GA . 11.03 15.81 5.28
C15 L2P GA . 11.45 13.19 5.99
C16 L2P GA . 10.97 12.67 4.57
C17 L2P GA . 10.33 11.25 4.38
C18 L2P GA . 9.82 10.81 2.88
C19 L2P GA . 8.76 11.80 2.22
C20 L2P GA . 9.19 9.34 2.96
C21 L2P GA . 8.56 8.63 1.70
C22 L2P GA . 8.82 7.05 1.61
C23 L2P GA . 8.14 6.37 0.33
C24 L2P GA . 6.61 6.57 0.38
C25 L2P GA . 8.45 4.75 0.24
C26 L2P GA . 8.35 4.03 -1.22
C27 L2P GA . 8.67 2.44 -1.29
C28 L2P GA . 8.53 1.89 -2.79
C29 L2P GA . 9.82 1.30 -3.23
C30 L2P GA . 7.53 0.81 -2.88
#